data_2CEQ
#
_entry.id   2CEQ
#
_cell.length_a   167.927
_cell.length_b   167.927
_cell.length_c   93.420
_cell.angle_alpha   90.00
_cell.angle_beta   90.00
_cell.angle_gamma   120.00
#
_symmetry.space_group_name_H-M   'P 31 2 1'
#
loop_
_entity.id
_entity.type
_entity.pdbx_description
1 polymer BETA-GALACTOSIDASE
2 non-polymer 'ACETATE ION'
3 non-polymer GLUCOIMIDAZOLE
4 water water
#
_entity_poly.entity_id   1
_entity_poly.type   'polypeptide(L)'
_entity_poly.pdbx_seq_one_letter_code
;MYSFPNSFRFGWSQAGFQSEMGTPGSEDPNTDWYKWVHDPENMAAGLVSGDLPENGPGYWGNYKTFHDNAQKMGLKIARL
NVEWSRIFPNPLPRPQNFDESKQDVTEVEINENELKRLDEYANKDALNHYREIFKDLKSRGLYFILNMYHWPLPLWLHDP
IRVRRGDFTGPSGWLSTRTVYEFARFSAYIAWKFDDLVDEYSTMNEPNVVGGLGYVGVKSGFPPGYLSFELSRRAMYNII
QAHARAYDGIKSVSKKPVGIIYANSSFQPLTDKDMEAVEMAENDNRWWFFDAIIRGEITRGNEKIVRDDLKGRLDWIGVN
YYTRTVVKRTEKGYVSLGGYGHGCERNSVSLAGLPTSDFGWEFFPEGLYDVLTKYWNRYHLYMYVTENGIADDADYQRPY
YLVSHVYQVHRAINSGADVRGYLHWSLADNYEWASGFSMRFGLLKVDYNTKRLYWRPSALVYREIATNGAITDEIEHLNS
VPPVKPLRH
;
_entity_poly.pdbx_strand_id   A,B
#
# COMPACT_ATOMS: atom_id res chain seq x y z
N MET A 1 26.71 12.22 14.33
CA MET A 1 26.37 13.59 14.82
CA MET A 1 26.34 13.57 14.80
C MET A 1 26.34 14.57 13.65
N TYR A 2 25.44 15.55 13.73
CA TYR A 2 25.43 16.67 12.81
C TYR A 2 25.33 17.92 13.65
N SER A 3 26.44 18.64 13.77
CA SER A 3 26.52 19.84 14.61
C SER A 3 26.20 21.09 13.81
N PHE A 4 25.55 22.04 14.47
CA PHE A 4 25.22 23.29 13.83
C PHE A 4 26.23 24.36 14.29
N PRO A 5 26.39 25.44 13.50
CA PRO A 5 27.16 26.61 13.95
C PRO A 5 26.75 27.05 15.35
N ASN A 6 27.70 27.65 16.06
CA ASN A 6 27.49 28.04 17.45
CA ASN A 6 27.53 28.10 17.44
C ASN A 6 26.40 29.10 17.60
N SER A 7 26.14 29.85 16.53
CA SER A 7 25.18 30.94 16.53
C SER A 7 23.78 30.55 16.04
N PHE A 8 23.61 29.29 15.60
CA PHE A 8 22.38 28.79 15.03
C PHE A 8 21.37 28.58 16.16
N ARG A 9 20.09 28.88 15.89
CA ARG A 9 19.07 28.75 16.93
CA ARG A 9 19.05 28.80 16.91
C ARG A 9 17.89 27.89 16.50
N PHE A 10 17.47 27.03 17.41
CA PHE A 10 16.33 26.19 17.23
C PHE A 10 15.17 26.80 18.04
N GLY A 11 13.99 26.85 17.43
CA GLY A 11 12.87 27.49 18.11
C GLY A 11 11.54 27.08 17.53
N TRP A 12 10.61 28.03 17.54
CA TRP A 12 9.26 27.76 17.02
C TRP A 12 8.60 29.01 16.47
N SER A 13 7.55 28.78 15.68
CA SER A 13 6.69 29.84 15.15
C SER A 13 5.25 29.59 15.57
N GLN A 14 4.49 30.69 15.67
CA GLN A 14 3.14 30.67 16.18
C GLN A 14 2.41 31.90 15.57
N ALA A 15 1.09 31.83 15.41
CA ALA A 15 0.29 32.93 14.93
C ALA A 15 -0.70 33.38 16.01
N GLY A 16 -1.01 34.68 16.03
CA GLY A 16 -1.93 35.26 17.06
C GLY A 16 -3.31 34.62 17.03
N PHE A 17 -3.96 34.71 15.88
CA PHE A 17 -5.32 34.18 15.70
C PHE A 17 -5.44 32.67 16.05
N GLN A 18 -4.36 31.93 15.81
CA GLN A 18 -4.41 30.47 15.97
C GLN A 18 -4.22 30.03 17.39
N SER A 19 -3.46 30.82 18.17
CA SER A 19 -3.05 30.41 19.52
C SER A 19 -3.51 31.31 20.66
N GLU A 20 -3.83 32.58 20.39
CA GLU A 20 -4.10 33.51 21.47
C GLU A 20 -5.36 33.17 22.25
N MET A 21 -6.47 32.94 21.56
CA MET A 21 -7.76 32.87 22.27
C MET A 21 -7.91 31.55 22.97
N GLY A 22 -8.78 31.53 23.99
CA GLY A 22 -9.07 30.35 24.75
C GLY A 22 -9.26 30.61 26.24
N THR A 23 -8.57 31.62 26.77
CA THR A 23 -8.70 31.98 28.20
C THR A 23 -9.66 33.17 28.37
N PRO A 24 -10.27 33.34 29.57
CA PRO A 24 -11.21 34.46 29.79
C PRO A 24 -10.66 35.83 29.39
N GLY A 25 -11.41 36.59 28.60
CA GLY A 25 -11.01 37.96 28.26
C GLY A 25 -10.06 38.07 27.07
N SER A 26 -9.81 36.94 26.39
CA SER A 26 -8.84 36.90 25.28
C SER A 26 -9.46 37.04 23.91
N GLU A 27 -10.78 36.99 23.85
CA GLU A 27 -11.54 37.01 22.59
CA GLU A 27 -11.48 36.96 22.57
C GLU A 27 -11.23 38.23 21.73
N ASP A 28 -11.01 38.02 20.44
CA ASP A 28 -10.80 39.11 19.50
C ASP A 28 -11.82 38.84 18.40
N PRO A 29 -13.04 39.42 18.54
CA PRO A 29 -14.09 39.22 17.54
C PRO A 29 -13.97 40.09 16.29
N ASN A 30 -12.89 40.83 16.14
CA ASN A 30 -12.86 41.96 15.21
C ASN A 30 -12.02 41.80 13.94
N THR A 31 -11.89 40.55 13.46
CA THR A 31 -11.20 40.26 12.20
C THR A 31 -12.10 39.64 11.14
N ASP A 32 -11.65 39.77 9.89
CA ASP A 32 -12.30 39.07 8.81
C ASP A 32 -12.38 37.57 9.08
N TRP A 33 -11.27 36.99 9.57
CA TRP A 33 -11.22 35.55 9.87
C TRP A 33 -12.21 35.11 10.93
N TYR A 34 -12.30 35.87 12.03
CA TYR A 34 -13.29 35.59 13.08
C TYR A 34 -14.68 35.59 12.49
N LYS A 35 -15.04 36.61 11.72
CA LYS A 35 -16.40 36.65 11.15
C LYS A 35 -16.61 35.47 10.18
N TRP A 36 -15.58 35.23 9.36
CA TRP A 36 -15.58 34.14 8.38
C TRP A 36 -15.87 32.75 9.00
N VAL A 37 -15.25 32.42 10.12
CA VAL A 37 -15.41 31.07 10.67
C VAL A 37 -16.71 30.92 11.52
N HIS A 38 -17.33 32.06 11.84
CA HIS A 38 -18.58 32.07 12.62
C HIS A 38 -19.77 32.16 11.70
N ASP A 39 -19.52 32.32 10.41
CA ASP A 39 -20.60 32.53 9.46
C ASP A 39 -21.46 31.28 9.23
N PRO A 40 -22.79 31.40 9.46
CA PRO A 40 -23.70 30.26 9.28
C PRO A 40 -23.67 29.65 7.86
N GLU A 41 -23.67 30.49 6.83
CA GLU A 41 -23.62 29.97 5.47
C GLU A 41 -22.30 29.21 5.20
N ASN A 42 -21.17 29.78 5.64
CA ASN A 42 -19.85 29.12 5.54
C ASN A 42 -19.84 27.73 6.27
N MET A 43 -20.40 27.70 7.48
CA MET A 43 -20.58 26.44 8.23
C MET A 43 -21.45 25.42 7.52
N ALA A 44 -22.62 25.84 7.03
CA ALA A 44 -23.50 24.93 6.27
C ALA A 44 -22.87 24.42 4.96
N ALA A 45 -22.09 25.26 4.29
CA ALA A 45 -21.40 24.82 3.06
C ALA A 45 -20.23 23.87 3.34
N GLY A 46 -19.82 23.76 4.61
CA GLY A 46 -18.61 23.02 5.00
C GLY A 46 -17.31 23.71 4.60
N LEU A 47 -17.39 25.01 4.29
CA LEU A 47 -16.20 25.80 3.94
C LEU A 47 -15.28 25.98 5.13
N VAL A 48 -15.88 25.99 6.31
CA VAL A 48 -15.17 26.09 7.56
C VAL A 48 -15.68 24.97 8.42
N SER A 49 -14.85 24.54 9.37
CA SER A 49 -15.10 23.33 10.13
C SER A 49 -16.23 23.41 11.18
N GLY A 50 -16.56 24.63 11.66
CA GLY A 50 -17.54 24.77 12.75
C GLY A 50 -16.89 24.97 14.09
N ASP A 51 -15.58 24.64 14.20
CA ASP A 51 -14.78 24.93 15.41
C ASP A 51 -14.55 26.44 15.43
N LEU A 52 -14.42 26.98 16.64
CA LEU A 52 -14.34 28.43 16.81
C LEU A 52 -13.05 28.78 17.53
N PRO A 53 -12.33 29.81 17.06
CA PRO A 53 -11.02 30.11 17.59
C PRO A 53 -11.05 30.50 19.08
N GLU A 54 -12.18 31.05 19.56
CA GLU A 54 -12.28 31.47 20.97
C GLU A 54 -12.19 30.29 21.92
N ASN A 55 -12.23 29.07 21.41
CA ASN A 55 -12.08 27.88 22.25
C ASN A 55 -10.66 27.30 22.16
N GLY A 56 -9.71 28.13 21.73
CA GLY A 56 -8.35 27.67 21.40
C GLY A 56 -7.42 27.49 22.58
N PRO A 57 -6.11 27.43 22.33
CA PRO A 57 -5.11 27.02 23.34
C PRO A 57 -4.80 28.04 24.46
N GLY A 58 -5.25 29.28 24.29
CA GLY A 58 -5.18 30.26 25.35
C GLY A 58 -3.81 30.85 25.61
N TYR A 59 -3.03 31.07 24.56
CA TYR A 59 -1.72 31.71 24.73
C TYR A 59 -1.82 33.13 25.36
N TRP A 60 -2.90 33.86 25.06
CA TRP A 60 -3.12 35.22 25.63
C TRP A 60 -3.06 35.19 27.15
N GLY A 61 -3.70 34.22 27.78
CA GLY A 61 -3.61 34.08 29.23
C GLY A 61 -2.45 33.22 29.72
N ASN A 62 -2.10 32.19 28.94
CA ASN A 62 -1.21 31.14 29.41
C ASN A 62 0.21 31.20 28.84
N TYR A 63 0.57 32.30 28.20
CA TYR A 63 1.89 32.48 27.61
C TYR A 63 3.10 32.13 28.50
N LYS A 64 3.00 32.35 29.82
CA LYS A 64 4.12 32.02 30.70
C LYS A 64 4.38 30.51 30.74
N THR A 65 3.31 29.74 30.61
CA THR A 65 3.39 28.26 30.53
C THR A 65 3.94 27.74 29.18
N PHE A 66 3.54 28.35 28.07
CA PHE A 66 4.12 28.02 26.76
C PHE A 66 5.63 28.29 26.87
N HIS A 67 5.96 29.47 27.41
CA HIS A 67 7.35 29.91 27.46
C HIS A 67 8.17 29.03 28.36
N ASP A 68 7.57 28.58 29.47
CA ASP A 68 8.21 27.64 30.40
C ASP A 68 8.63 26.35 29.68
N ASN A 69 7.71 25.81 28.88
CA ASN A 69 7.98 24.62 28.10
C ASN A 69 8.98 24.80 26.98
N ALA A 70 8.91 25.91 26.26
CA ALA A 70 9.92 26.25 25.26
C ALA A 70 11.32 26.31 25.88
N GLN A 71 11.41 26.89 27.09
CA GLN A 71 12.66 27.03 27.80
C GLN A 71 13.17 25.69 28.32
N LYS A 72 12.27 24.87 28.89
CA LYS A 72 12.60 23.48 29.24
C LYS A 72 13.17 22.75 28.01
N MET A 73 12.65 23.11 26.84
CA MET A 73 12.93 22.42 25.59
CA MET A 73 12.95 22.39 25.60
C MET A 73 14.25 22.90 25.00
N GLY A 74 14.79 23.97 25.61
CA GLY A 74 16.05 24.53 25.15
C GLY A 74 15.92 25.37 23.89
N LEU A 75 14.72 25.86 23.62
CA LEU A 75 14.52 26.68 22.41
C LEU A 75 15.15 28.06 22.64
N LYS A 76 15.68 28.64 21.57
CA LYS A 76 16.40 29.91 21.68
CA LYS A 76 16.46 29.89 21.62
C LYS A 76 15.91 30.99 20.72
N ILE A 77 14.85 30.68 19.97
CA ILE A 77 14.29 31.64 19.02
C ILE A 77 12.78 31.44 18.89
N ALA A 78 12.03 32.54 18.78
CA ALA A 78 10.58 32.46 18.54
C ALA A 78 10.19 33.49 17.52
N ARG A 79 9.29 33.10 16.63
CA ARG A 79 8.68 34.07 15.76
C ARG A 79 7.19 34.03 15.96
N LEU A 80 6.62 35.18 16.30
CA LEU A 80 5.15 35.34 16.32
C LEU A 80 4.72 36.70 15.83
N ASN A 81 3.41 36.90 15.72
CA ASN A 81 2.89 38.19 15.26
C ASN A 81 2.02 38.91 16.28
N VAL A 82 1.92 40.21 16.09
CA VAL A 82 0.88 40.99 16.75
CA VAL A 82 0.90 41.01 16.75
C VAL A 82 -0.36 40.97 15.87
N GLU A 83 -1.52 40.82 16.50
CA GLU A 83 -2.75 40.89 15.73
C GLU A 83 -3.19 42.37 15.55
N TRP A 84 -3.16 42.81 14.29
CA TRP A 84 -3.54 44.15 13.85
C TRP A 84 -4.88 44.61 14.47
N SER A 85 -5.87 43.73 14.42
CA SER A 85 -7.20 43.95 14.94
C SER A 85 -7.24 44.20 16.44
N ARG A 86 -6.27 43.68 17.18
CA ARG A 86 -6.25 43.91 18.62
C ARG A 86 -5.73 45.31 18.93
N ILE A 87 -4.82 45.80 18.09
CA ILE A 87 -4.22 47.12 18.28
C ILE A 87 -5.18 48.21 17.79
N PHE A 88 -5.73 48.02 16.59
CA PHE A 88 -6.73 48.93 16.03
C PHE A 88 -8.06 48.24 15.71
N PRO A 89 -8.88 47.98 16.75
CA PRO A 89 -10.21 47.34 16.56
C PRO A 89 -11.26 48.22 15.88
N ASN A 90 -11.07 49.54 15.93
CA ASN A 90 -11.97 50.50 15.30
C ASN A 90 -11.23 51.24 14.19
N PRO A 91 -11.97 51.85 13.25
CA PRO A 91 -11.31 52.45 12.10
C PRO A 91 -10.40 53.63 12.46
N LEU A 92 -9.42 53.86 11.60
CA LEU A 92 -8.58 55.03 11.71
C LEU A 92 -9.13 56.13 10.78
N PRO A 93 -8.79 57.42 11.06
CA PRO A 93 -9.20 58.53 10.20
C PRO A 93 -8.64 58.35 8.80
N ARG A 94 -9.40 58.76 7.79
CA ARG A 94 -8.95 58.65 6.39
C ARG A 94 -7.62 59.35 6.25
N PRO A 95 -6.71 58.77 5.48
CA PRO A 95 -5.37 59.33 5.49
C PRO A 95 -5.33 60.57 4.63
N GLN A 96 -4.37 61.45 4.92
CA GLN A 96 -4.18 62.63 4.10
C GLN A 96 -3.13 62.31 3.03
N ASN A 97 -3.31 62.93 1.86
CA ASN A 97 -2.50 62.66 0.66
C ASN A 97 -2.77 61.28 0.06
N PHE A 98 -3.98 60.77 0.26
CA PHE A 98 -4.29 59.44 -0.21
C PHE A 98 -5.37 59.44 -1.29
N ASP A 99 -4.95 59.07 -2.49
CA ASP A 99 -5.84 59.01 -3.64
C ASP A 99 -6.15 57.55 -3.93
N GLU A 100 -7.31 57.10 -3.46
CA GLU A 100 -7.70 55.70 -3.49
C GLU A 100 -7.78 55.12 -4.90
N SER A 101 -7.76 56.00 -5.91
CA SER A 101 -7.94 55.60 -7.31
C SER A 101 -6.64 55.20 -8.01
N LYS A 102 -5.51 55.63 -7.47
CA LYS A 102 -4.18 55.25 -7.98
C LYS A 102 -3.83 53.78 -7.70
N GLN A 103 -3.35 53.09 -8.75
CA GLN A 103 -2.88 51.69 -8.67
C GLN A 103 -1.70 51.54 -7.74
N ASP A 104 -0.75 52.46 -7.85
CA ASP A 104 0.51 52.35 -7.14
C ASP A 104 0.59 53.18 -5.87
N VAL A 105 1.05 52.52 -4.80
CA VAL A 105 1.45 53.20 -3.57
C VAL A 105 2.97 53.12 -3.56
N THR A 106 3.62 54.23 -3.94
CA THR A 106 5.10 54.28 -4.03
C THR A 106 5.69 54.92 -2.80
N GLU A 107 4.85 55.61 -2.03
CA GLU A 107 5.31 56.20 -0.77
C GLU A 107 4.17 56.35 0.22
N VAL A 108 4.49 56.16 1.48
CA VAL A 108 3.58 56.43 2.59
C VAL A 108 4.44 57.16 3.58
N GLU A 109 4.23 58.46 3.70
CA GLU A 109 5.00 59.27 4.64
C GLU A 109 4.54 58.99 6.05
N ILE A 110 5.48 58.62 6.91
CA ILE A 110 5.19 58.45 8.32
C ILE A 110 6.27 59.19 9.08
N ASN A 111 5.85 60.10 9.95
CA ASN A 111 6.78 60.88 10.76
C ASN A 111 6.36 60.73 12.21
N GLU A 112 7.15 61.25 13.14
CA GLU A 112 6.86 61.04 14.55
C GLU A 112 5.51 61.61 15.04
N ASN A 113 5.06 62.70 14.40
CA ASN A 113 3.78 63.30 14.75
C ASN A 113 2.64 62.37 14.35
N GLU A 114 2.77 61.79 13.16
CA GLU A 114 1.83 60.80 12.65
C GLU A 114 1.72 59.60 13.60
N LEU A 115 2.87 59.10 14.06
CA LEU A 115 2.91 57.97 14.99
C LEU A 115 2.22 58.25 16.33
N LYS A 116 2.41 59.46 16.84
CA LYS A 116 1.76 59.88 18.10
C LYS A 116 0.26 60.04 17.92
N ARG A 117 -0.17 60.44 16.71
CA ARG A 117 -1.60 60.46 16.39
C ARG A 117 -2.14 59.05 16.36
N LEU A 118 -1.40 58.14 15.70
CA LEU A 118 -1.74 56.73 15.64
C LEU A 118 -1.91 56.18 17.04
N ASP A 119 -1.00 56.55 17.91
CA ASP A 119 -1.02 56.11 19.30
C ASP A 119 -2.32 56.45 20.03
N GLU A 120 -2.96 57.55 19.67
CA GLU A 120 -4.24 57.95 20.30
C GLU A 120 -5.34 56.91 20.09
N TYR A 121 -5.29 56.24 18.94
CA TYR A 121 -6.33 55.28 18.54
C TYR A 121 -6.03 53.83 18.91
N ALA A 122 -4.81 53.54 19.37
CA ALA A 122 -4.42 52.18 19.64
C ALA A 122 -5.02 51.67 20.93
N ASN A 123 -5.45 50.41 20.94
CA ASN A 123 -5.85 49.76 22.19
C ASN A 123 -4.68 49.54 23.19
N LYS A 124 -4.73 50.25 24.31
CA LYS A 124 -3.66 50.25 25.27
C LYS A 124 -3.57 48.96 26.09
N ASP A 125 -4.70 48.38 26.48
CA ASP A 125 -4.73 47.08 27.14
C ASP A 125 -4.00 46.01 26.30
N ALA A 126 -4.28 45.97 25.01
CA ALA A 126 -3.63 45.03 24.11
C ALA A 126 -2.15 45.33 23.99
N LEU A 127 -1.80 46.61 23.87
CA LEU A 127 -0.39 47.00 23.69
C LEU A 127 0.40 46.57 24.91
N ASN A 128 -0.09 46.93 26.10
CA ASN A 128 0.53 46.52 27.34
C ASN A 128 0.61 44.99 27.50
N HIS A 129 -0.44 44.28 27.10
CA HIS A 129 -0.45 42.82 27.22
C HIS A 129 0.61 42.20 26.30
N TYR A 130 0.70 42.67 25.06
CA TYR A 130 1.74 42.17 24.16
C TYR A 130 3.15 42.44 24.68
N ARG A 131 3.36 43.62 25.28
CA ARG A 131 4.61 43.97 25.91
C ARG A 131 4.94 42.96 27.02
N GLU A 132 3.95 42.64 27.86
CA GLU A 132 4.12 41.66 28.92
C GLU A 132 4.52 40.26 28.35
N ILE A 133 3.81 39.82 27.32
CA ILE A 133 4.13 38.56 26.62
C ILE A 133 5.57 38.57 26.06
N PHE A 134 5.92 39.62 25.30
CA PHE A 134 7.22 39.65 24.61
C PHE A 134 8.40 39.82 25.59
N LYS A 135 8.16 40.59 26.65
CA LYS A 135 9.09 40.74 27.73
C LYS A 135 9.38 39.38 28.41
N ASP A 136 8.33 38.64 28.74
CA ASP A 136 8.51 37.30 29.33
C ASP A 136 9.28 36.39 28.38
N LEU A 137 9.00 36.53 27.07
CA LEU A 137 9.66 35.74 26.04
C LEU A 137 11.16 36.02 26.08
N LYS A 138 11.51 37.30 26.05
CA LYS A 138 12.91 37.73 26.06
C LYS A 138 13.65 37.30 27.32
N SER A 139 12.96 37.35 28.46
CA SER A 139 13.53 36.93 29.73
C SER A 139 13.92 35.43 29.76
N ARG A 140 13.48 34.63 28.79
CA ARG A 140 13.92 33.22 28.70
C ARG A 140 15.15 33.09 27.81
N GLY A 141 15.70 34.23 27.37
CA GLY A 141 16.82 34.22 26.43
C GLY A 141 16.40 33.75 25.05
N LEU A 142 15.15 34.02 24.69
CA LEU A 142 14.68 33.78 23.33
C LEU A 142 14.96 34.99 22.42
N TYR A 143 15.58 34.73 21.27
CA TYR A 143 15.74 35.71 20.21
C TYR A 143 14.36 35.84 19.56
N PHE A 144 14.00 37.07 19.16
CA PHE A 144 12.60 37.39 18.85
C PHE A 144 12.49 37.96 17.46
N ILE A 145 11.81 37.21 16.60
CA ILE A 145 11.41 37.73 15.32
C ILE A 145 9.94 38.12 15.43
N LEU A 146 9.65 39.40 15.19
CA LEU A 146 8.28 39.90 15.20
C LEU A 146 7.78 40.02 13.79
N ASN A 147 6.70 39.30 13.52
CA ASN A 147 6.01 39.32 12.26
C ASN A 147 4.81 40.24 12.45
N MET A 148 4.45 41.01 11.42
CA MET A 148 3.43 42.06 11.56
C MET A 148 2.05 41.54 11.19
N TYR A 149 2.03 40.51 10.35
CA TYR A 149 0.80 40.07 9.72
C TYR A 149 0.81 38.56 9.44
N HIS A 150 -0.24 37.89 9.88
CA HIS A 150 -0.37 36.46 9.68
C HIS A 150 -1.83 36.14 9.38
N TRP A 151 -2.37 36.88 8.41
CA TRP A 151 -3.60 36.61 7.66
C TRP A 151 -4.87 37.43 8.06
N PRO A 152 -5.34 37.36 9.31
CA PRO A 152 -6.53 38.19 9.63
C PRO A 152 -6.26 39.71 9.55
N LEU A 153 -7.21 40.39 8.93
CA LEU A 153 -7.29 41.85 8.86
C LEU A 153 -8.39 42.35 9.77
N PRO A 154 -8.23 43.58 10.31
CA PRO A 154 -9.34 44.24 11.03
C PRO A 154 -10.61 44.23 10.14
N LEU A 155 -11.76 43.96 10.76
CA LEU A 155 -13.01 43.96 10.01
C LEU A 155 -13.29 45.30 9.30
N TRP A 156 -12.87 46.41 9.93
CA TRP A 156 -13.08 47.73 9.31
C TRP A 156 -12.28 47.87 8.00
N LEU A 157 -11.34 46.95 7.76
CA LEU A 157 -10.59 46.91 6.49
C LEU A 157 -11.04 45.84 5.51
N HIS A 158 -11.78 44.84 6.00
CA HIS A 158 -12.23 43.76 5.13
C HIS A 158 -13.43 43.08 5.73
N ASP A 159 -14.58 43.17 5.06
CA ASP A 159 -15.75 42.36 5.39
C ASP A 159 -15.81 41.26 4.34
N PRO A 160 -15.36 40.03 4.69
CA PRO A 160 -15.20 38.97 3.69
C PRO A 160 -16.52 38.36 3.23
N ILE A 161 -17.58 38.50 4.04
CA ILE A 161 -18.90 37.92 3.68
C ILE A 161 -19.53 38.73 2.55
N ARG A 162 -19.43 40.05 2.72
CA ARG A 162 -19.88 41.01 1.73
C ARG A 162 -19.17 40.72 0.41
N VAL A 163 -17.86 40.51 0.47
CA VAL A 163 -17.05 40.22 -0.72
C VAL A 163 -17.37 38.85 -1.31
N ARG A 164 -17.42 37.81 -0.49
CA ARG A 164 -17.90 36.49 -0.94
C ARG A 164 -19.17 36.64 -1.76
N ARG A 165 -20.10 37.47 -1.29
CA ARG A 165 -21.39 37.64 -1.95
C ARG A 165 -21.30 38.46 -3.23
N GLY A 166 -20.12 38.94 -3.57
CA GLY A 166 -19.92 39.68 -4.83
C GLY A 166 -20.23 41.17 -4.71
N ASP A 167 -20.31 41.66 -3.48
CA ASP A 167 -20.55 43.07 -3.22
C ASP A 167 -19.22 43.75 -2.91
N PHE A 168 -18.77 44.62 -3.81
CA PHE A 168 -17.49 45.28 -3.59
C PHE A 168 -17.62 46.75 -3.14
N THR A 169 -18.69 47.06 -2.40
CA THR A 169 -18.94 48.41 -1.96
C THR A 169 -18.43 48.68 -0.56
N GLY A 170 -18.10 47.62 0.17
CA GLY A 170 -17.64 47.73 1.54
C GLY A 170 -16.13 47.58 1.65
N PRO A 171 -15.61 47.40 2.88
CA PRO A 171 -14.16 47.22 3.03
C PRO A 171 -13.74 45.93 2.30
N SER A 172 -12.76 46.05 1.42
CA SER A 172 -12.45 44.97 0.49
CA SER A 172 -12.44 44.99 0.46
C SER A 172 -11.08 44.33 0.67
N GLY A 173 -10.46 44.55 1.83
CA GLY A 173 -9.20 43.89 2.16
C GLY A 173 -8.03 44.20 1.25
N TRP A 174 -7.26 43.18 0.86
CA TRP A 174 -6.11 43.41 -0.06
C TRP A 174 -6.48 43.88 -1.47
N LEU A 175 -7.79 44.00 -1.73
CA LEU A 175 -8.25 44.57 -2.99
C LEU A 175 -8.24 46.11 -2.97
N SER A 176 -8.02 46.70 -1.81
CA SER A 176 -7.98 48.15 -1.70
C SER A 176 -6.62 48.68 -1.31
N THR A 177 -6.19 49.75 -1.98
CA THR A 177 -4.97 50.46 -1.57
C THR A 177 -5.06 51.15 -0.18
N ARG A 178 -6.27 51.37 0.34
CA ARG A 178 -6.37 51.84 1.73
C ARG A 178 -5.69 50.87 2.67
N THR A 179 -5.91 49.56 2.45
CA THR A 179 -5.31 48.51 3.27
C THR A 179 -3.78 48.54 3.17
N VAL A 180 -3.25 48.81 1.98
CA VAL A 180 -1.80 48.97 1.77
C VAL A 180 -1.22 50.16 2.57
N TYR A 181 -1.91 51.30 2.45
CA TYR A 181 -1.56 52.50 3.22
CA TYR A 181 -1.56 52.49 3.22
C TYR A 181 -1.59 52.20 4.73
N GLU A 182 -2.72 51.65 5.21
CA GLU A 182 -2.86 51.36 6.64
C GLU A 182 -1.86 50.30 7.13
N PHE A 183 -1.57 49.31 6.29
CA PHE A 183 -0.57 48.29 6.70
C PHE A 183 0.81 48.90 6.94
N ALA A 184 1.25 49.77 6.03
CA ALA A 184 2.52 50.49 6.22
C ALA A 184 2.53 51.27 7.53
N ARG A 185 1.46 52.01 7.83
CA ARG A 185 1.39 52.81 9.08
C ARG A 185 1.41 51.89 10.28
N PHE A 186 0.61 50.82 10.22
CA PHE A 186 0.55 49.83 11.32
C PHE A 186 1.93 49.25 11.65
N SER A 187 2.65 48.81 10.60
CA SER A 187 3.95 48.16 10.79
CA SER A 187 3.94 48.14 10.80
C SER A 187 4.97 49.12 11.37
N ALA A 188 5.05 50.32 10.80
CA ALA A 188 5.92 51.37 11.39
C ALA A 188 5.53 51.64 12.84
N TYR A 189 4.22 51.72 13.11
CA TYR A 189 3.75 51.99 14.47
C TYR A 189 4.22 50.90 15.46
N ILE A 190 4.11 49.64 15.04
CA ILE A 190 4.47 48.50 15.90
C ILE A 190 5.98 48.43 16.12
N ALA A 191 6.76 48.69 15.08
CA ALA A 191 8.21 48.79 15.23
C ALA A 191 8.60 49.92 16.23
N TRP A 192 7.96 51.08 16.09
CA TRP A 192 8.12 52.22 17.01
C TRP A 192 7.81 51.83 18.45
N LYS A 193 6.73 51.08 18.67
CA LYS A 193 6.35 50.70 20.04
C LYS A 193 7.12 49.53 20.63
N PHE A 194 7.67 48.63 19.81
CA PHE A 194 8.30 47.38 20.34
C PHE A 194 9.79 47.16 20.03
N ASP A 195 10.43 48.09 19.32
CA ASP A 195 11.78 47.89 18.80
C ASP A 195 12.79 47.46 19.88
N ASP A 196 12.57 47.93 21.10
CA ASP A 196 13.42 47.55 22.21
C ASP A 196 13.37 46.05 22.52
N LEU A 197 12.30 45.38 22.08
CA LEU A 197 12.11 43.96 22.42
C LEU A 197 12.42 43.05 21.22
N VAL A 198 12.47 43.63 20.04
CA VAL A 198 12.58 42.83 18.82
C VAL A 198 14.02 42.70 18.34
N ASP A 199 14.35 41.53 17.78
CA ASP A 199 15.67 41.29 17.18
C ASP A 199 15.64 41.41 15.66
N GLU A 200 14.67 40.77 15.02
CA GLU A 200 14.47 40.94 13.59
C GLU A 200 12.96 41.02 13.31
N TYR A 201 12.59 41.67 12.21
CA TYR A 201 11.19 41.80 11.82
C TYR A 201 10.90 41.02 10.57
N SER A 202 9.66 40.56 10.48
CA SER A 202 9.10 40.14 9.21
C SER A 202 7.86 40.98 8.97
N THR A 203 7.60 41.36 7.73
CA THR A 203 6.40 42.14 7.46
C THR A 203 5.16 41.26 7.46
N MET A 204 5.24 40.12 6.77
CA MET A 204 4.08 39.26 6.60
CA MET A 204 4.09 39.27 6.46
C MET A 204 4.44 37.79 6.46
N ASN A 205 3.44 36.97 6.76
CA ASN A 205 3.50 35.53 6.65
C ASN A 205 2.72 35.06 5.45
N GLU A 206 3.42 34.47 4.49
CA GLU A 206 2.81 33.78 3.37
C GLU A 206 1.77 34.58 2.55
N PRO A 207 2.16 35.76 2.03
CA PRO A 207 1.19 36.55 1.24
C PRO A 207 0.63 35.81 0.05
N ASN A 208 1.42 34.91 -0.54
CA ASN A 208 0.93 34.11 -1.67
C ASN A 208 -0.31 33.25 -1.35
N VAL A 209 -0.37 32.74 -0.13
CA VAL A 209 -1.50 31.91 0.31
C VAL A 209 -2.72 32.81 0.44
N VAL A 210 -2.52 34.00 1.04
CA VAL A 210 -3.61 34.98 1.15
C VAL A 210 -4.28 35.27 -0.20
N GLY A 211 -3.49 35.67 -1.20
CA GLY A 211 -4.04 35.89 -2.52
C GLY A 211 -4.45 34.64 -3.27
N GLY A 212 -3.66 33.57 -3.14
CA GLY A 212 -3.95 32.31 -3.85
C GLY A 212 -5.19 31.59 -3.35
N LEU A 213 -5.28 31.39 -2.04
CA LEU A 213 -6.46 30.69 -1.50
C LEU A 213 -7.71 31.59 -1.42
N GLY A 214 -7.52 32.87 -1.11
CA GLY A 214 -8.64 33.84 -1.02
C GLY A 214 -9.46 33.99 -2.27
N TYR A 215 -8.80 33.90 -3.43
CA TYR A 215 -9.43 34.30 -4.67
C TYR A 215 -9.33 33.30 -5.81
N VAL A 216 -8.64 32.19 -5.57
CA VAL A 216 -8.58 31.11 -6.55
C VAL A 216 -8.95 29.78 -5.88
N GLY A 217 -8.16 29.33 -4.92
CA GLY A 217 -8.40 28.05 -4.23
C GLY A 217 -9.54 28.16 -3.22
N VAL A 218 -10.73 28.47 -3.72
CA VAL A 218 -11.90 28.79 -2.89
C VAL A 218 -12.49 27.59 -2.13
N LYS A 219 -12.15 26.36 -2.54
CA LYS A 219 -12.58 25.20 -1.76
C LYS A 219 -11.87 25.11 -0.41
N SER A 220 -10.76 25.84 -0.27
CA SER A 220 -10.03 25.80 0.99
CA SER A 220 -9.99 25.88 0.99
C SER A 220 -10.73 26.57 2.13
N GLY A 221 -11.74 27.36 1.81
CA GLY A 221 -12.47 28.11 2.85
C GLY A 221 -11.67 29.22 3.47
N PHE A 222 -10.87 29.89 2.64
CA PHE A 222 -10.15 31.10 3.06
C PHE A 222 -10.89 32.36 2.60
N PRO A 223 -10.97 33.38 3.49
CA PRO A 223 -11.73 34.60 3.16
C PRO A 223 -11.03 35.40 2.05
N PRO A 224 -11.80 36.07 1.18
CA PRO A 224 -13.27 36.13 1.11
C PRO A 224 -13.88 35.03 0.25
N GLY A 225 -13.05 34.11 -0.27
CA GLY A 225 -13.56 33.03 -1.08
C GLY A 225 -14.37 33.54 -2.25
N TYR A 226 -13.81 34.52 -2.94
CA TYR A 226 -14.39 35.02 -4.16
C TYR A 226 -13.49 34.61 -5.31
N LEU A 227 -14.03 33.78 -6.20
CA LEU A 227 -13.28 33.17 -7.30
C LEU A 227 -13.04 34.17 -8.44
N SER A 228 -11.79 34.57 -8.64
CA SER A 228 -11.43 35.57 -9.67
C SER A 228 -9.93 35.60 -9.92
N PHE A 229 -9.49 35.12 -11.09
CA PHE A 229 -8.08 35.30 -11.46
C PHE A 229 -7.64 36.78 -11.33
N GLU A 230 -8.50 37.68 -11.82
CA GLU A 230 -8.18 39.12 -11.88
C GLU A 230 -8.02 39.75 -10.49
N LEU A 231 -8.97 39.49 -9.60
CA LEU A 231 -8.84 39.96 -8.19
C LEU A 231 -7.67 39.36 -7.41
N SER A 232 -7.33 38.10 -7.70
CA SER A 232 -6.14 37.49 -7.08
CA SER A 232 -6.14 37.48 -7.09
C SER A 232 -4.88 38.24 -7.47
N ARG A 233 -4.77 38.63 -8.76
CA ARG A 233 -3.62 39.46 -9.22
C ARG A 233 -3.61 40.83 -8.53
N ARG A 234 -4.77 41.49 -8.46
CA ARG A 234 -4.91 42.77 -7.74
CA ARG A 234 -4.89 42.78 -7.77
C ARG A 234 -4.50 42.62 -6.29
N ALA A 235 -5.04 41.60 -5.62
CA ALA A 235 -4.63 41.33 -4.22
C ALA A 235 -3.11 41.19 -4.10
N MET A 236 -2.53 40.35 -4.94
CA MET A 236 -1.08 40.10 -4.90
C MET A 236 -0.28 41.37 -5.22
N TYR A 237 -0.74 42.12 -6.21
CA TYR A 237 -0.10 43.42 -6.52
C TYR A 237 -0.09 44.30 -5.27
N ASN A 238 -1.25 44.44 -4.63
CA ASN A 238 -1.35 45.27 -3.43
C ASN A 238 -0.53 44.79 -2.27
N ILE A 239 -0.49 43.47 -2.06
CA ILE A 239 0.28 42.94 -0.93
C ILE A 239 1.79 43.17 -1.12
N ILE A 240 2.25 43.10 -2.36
CA ILE A 240 3.67 43.37 -2.67
C ILE A 240 4.04 44.81 -2.31
N GLN A 241 3.30 45.77 -2.87
CA GLN A 241 3.59 47.16 -2.53
C GLN A 241 3.34 47.45 -1.04
N ALA A 242 2.42 46.69 -0.41
CA ALA A 242 2.25 46.81 1.06
C ALA A 242 3.50 46.38 1.81
N HIS A 243 4.11 45.29 1.38
CA HIS A 243 5.34 44.84 2.02
C HIS A 243 6.43 45.91 1.88
N ALA A 244 6.62 46.42 0.66
CA ALA A 244 7.64 47.44 0.41
C ALA A 244 7.43 48.69 1.31
N ARG A 245 6.18 49.18 1.39
CA ARG A 245 5.89 50.35 2.24
C ARG A 245 6.09 50.03 3.71
N ALA A 246 5.78 48.79 4.12
CA ALA A 246 6.01 48.36 5.52
C ALA A 246 7.50 48.31 5.84
N TYR A 247 8.28 47.79 4.90
CA TYR A 247 9.75 47.77 5.02
C TYR A 247 10.27 49.20 5.25
N ASP A 248 9.91 50.12 4.36
CA ASP A 248 10.29 51.55 4.50
C ASP A 248 9.77 52.13 5.82
N GLY A 249 8.51 51.84 6.18
CA GLY A 249 7.96 52.29 7.48
C GLY A 249 8.76 51.83 8.69
N ILE A 250 9.08 50.53 8.74
CA ILE A 250 9.85 49.99 9.84
C ILE A 250 11.25 50.60 9.84
N LYS A 251 11.88 50.68 8.66
CA LYS A 251 13.24 51.22 8.56
CA LYS A 251 13.24 51.21 8.59
C LYS A 251 13.32 52.68 9.01
N SER A 252 12.20 53.41 8.90
CA SER A 252 12.16 54.83 9.29
C SER A 252 12.26 54.95 10.80
N VAL A 253 12.12 53.83 11.48
CA VAL A 253 12.01 53.82 12.92
C VAL A 253 13.03 52.89 13.61
N SER A 254 13.59 51.98 12.82
CA SER A 254 14.44 50.90 13.35
C SER A 254 15.59 50.63 12.40
N LYS A 255 16.71 50.19 12.96
CA LYS A 255 17.86 49.76 12.16
CA LYS A 255 17.87 49.76 12.17
C LYS A 255 17.85 48.24 11.96
N LYS A 256 16.93 47.55 12.62
CA LYS A 256 16.95 46.08 12.65
C LYS A 256 16.61 45.44 11.32
N PRO A 257 17.02 44.17 11.11
CA PRO A 257 16.70 43.48 9.85
C PRO A 257 15.21 43.28 9.60
N VAL A 258 14.78 43.49 8.36
CA VAL A 258 13.39 43.33 7.99
C VAL A 258 13.29 42.35 6.83
N GLY A 259 12.57 41.26 7.05
CA GLY A 259 12.45 40.25 6.03
C GLY A 259 11.00 39.98 5.74
N ILE A 260 10.77 38.84 5.09
CA ILE A 260 9.42 38.37 4.80
C ILE A 260 9.36 36.84 4.89
N ILE A 261 8.18 36.32 5.22
CA ILE A 261 8.03 34.87 5.34
C ILE A 261 7.11 34.43 4.20
N TYR A 262 7.49 33.37 3.49
CA TYR A 262 6.79 32.98 2.27
C TYR A 262 6.50 31.49 2.26
N ALA A 263 5.43 31.06 1.61
CA ALA A 263 5.04 29.64 1.57
C ALA A 263 5.73 28.93 0.40
N ASN A 264 6.49 27.88 0.68
CA ASN A 264 7.27 27.20 -0.38
C ASN A 264 6.93 25.74 -0.58
N SER A 265 6.89 25.32 -1.83
CA SER A 265 6.87 23.92 -2.18
CA SER A 265 6.87 23.90 -2.21
C SER A 265 8.16 23.59 -2.95
N SER A 266 8.68 22.38 -2.80
CA SER A 266 9.83 21.98 -3.60
C SER A 266 9.25 21.41 -4.88
N PHE A 267 9.49 22.07 -6.00
CA PHE A 267 8.93 21.58 -7.24
C PHE A 267 9.82 20.48 -7.80
N GLN A 268 9.21 19.33 -8.08
CA GLN A 268 9.94 18.10 -8.38
C GLN A 268 9.48 17.57 -9.72
N PRO A 269 10.41 17.12 -10.57
CA PRO A 269 10.00 16.62 -11.90
C PRO A 269 9.37 15.23 -11.82
N LEU A 270 8.30 15.01 -12.54
CA LEU A 270 7.73 13.67 -12.60
C LEU A 270 8.71 12.67 -13.25
N THR A 271 9.24 13.04 -14.43
CA THR A 271 10.23 12.22 -15.15
C THR A 271 11.41 13.14 -15.48
N ASP A 272 12.50 12.57 -15.97
CA ASP A 272 13.65 13.39 -16.36
C ASP A 272 13.37 14.29 -17.58
N LYS A 273 12.15 14.22 -18.12
CA LYS A 273 11.69 15.09 -19.19
C LYS A 273 10.94 16.34 -18.68
N ASP A 274 10.83 16.52 -17.35
CA ASP A 274 10.03 17.62 -16.79
C ASP A 274 10.84 18.66 -16.02
N MET A 275 12.15 18.69 -16.24
CA MET A 275 13.04 19.65 -15.59
C MET A 275 12.72 21.11 -15.88
N GLU A 276 12.14 21.35 -17.06
CA GLU A 276 11.74 22.68 -17.47
C GLU A 276 10.41 23.09 -16.83
N ALA A 277 9.49 22.12 -16.73
CA ALA A 277 8.25 22.33 -15.98
C ALA A 277 8.55 22.78 -14.55
N VAL A 278 9.58 22.21 -13.95
CA VAL A 278 10.04 22.62 -12.64
C VAL A 278 10.38 24.10 -12.63
N GLU A 279 11.25 24.54 -13.56
CA GLU A 279 11.68 25.95 -13.64
C GLU A 279 10.49 26.91 -13.79
N MET A 280 9.54 26.53 -14.64
CA MET A 280 8.33 27.29 -14.90
C MET A 280 7.48 27.42 -13.63
N ALA A 281 7.29 26.29 -12.93
CA ALA A 281 6.63 26.26 -11.61
C ALA A 281 7.32 27.18 -10.61
N GLU A 282 8.64 27.15 -10.60
CA GLU A 282 9.44 28.01 -9.74
C GLU A 282 9.31 29.53 -10.09
N ASN A 283 9.32 29.83 -11.39
CA ASN A 283 9.00 31.18 -11.88
C ASN A 283 7.61 31.62 -11.40
N ASP A 284 6.61 30.79 -11.64
CA ASP A 284 5.23 31.19 -11.40
C ASP A 284 4.86 31.24 -9.92
N ASN A 285 5.60 30.52 -9.09
CA ASN A 285 5.21 30.37 -7.68
C ASN A 285 6.13 31.04 -6.68
N ARG A 286 7.34 31.39 -7.10
CA ARG A 286 8.36 31.86 -6.17
C ARG A 286 9.10 33.10 -6.68
N TRP A 287 9.77 32.96 -7.84
CA TRP A 287 10.69 34.00 -8.32
C TRP A 287 9.99 35.31 -8.68
N TRP A 288 8.83 35.22 -9.33
CA TRP A 288 8.08 36.42 -9.71
C TRP A 288 7.86 37.32 -8.47
N PHE A 289 7.60 36.72 -7.32
CA PHE A 289 7.28 37.50 -6.11
C PHE A 289 8.53 38.10 -5.52
N PHE A 290 9.58 37.28 -5.41
CA PHE A 290 10.83 37.77 -4.83
C PHE A 290 11.55 38.74 -5.77
N ASP A 291 11.52 38.49 -7.08
CA ASP A 291 12.08 39.47 -8.06
C ASP A 291 11.37 40.83 -7.95
N ALA A 292 10.09 40.82 -7.57
CA ALA A 292 9.36 42.08 -7.40
C ALA A 292 9.87 42.91 -6.24
N ILE A 293 10.09 42.28 -5.09
CA ILE A 293 10.47 42.99 -3.86
C ILE A 293 11.97 43.07 -3.65
N ILE A 294 12.72 42.37 -4.50
CA ILE A 294 14.18 42.46 -4.44
C ILE A 294 14.69 43.29 -5.62
N ARG A 295 14.14 43.05 -6.82
CA ARG A 295 14.63 43.65 -8.06
C ARG A 295 13.66 44.68 -8.65
N GLY A 296 12.49 44.85 -8.04
CA GLY A 296 11.53 45.84 -8.48
C GLY A 296 10.81 45.44 -9.74
N GLU A 297 11.06 44.21 -10.19
CA GLU A 297 10.42 43.72 -11.41
C GLU A 297 9.00 43.27 -11.11
N ILE A 298 8.05 43.87 -11.80
CA ILE A 298 6.65 43.55 -11.57
C ILE A 298 5.84 43.79 -12.83
N THR A 299 4.76 43.04 -12.95
CA THR A 299 3.81 43.23 -14.03
C THR A 299 2.65 44.06 -13.50
N ARG A 300 2.43 45.19 -14.15
CA ARG A 300 1.34 46.10 -13.82
C ARG A 300 0.43 46.19 -15.04
N GLY A 301 -0.80 45.73 -14.89
CA GLY A 301 -1.68 45.57 -16.03
C GLY A 301 -1.06 44.57 -16.98
N ASN A 302 -0.79 45.03 -18.21
CA ASN A 302 -0.11 44.23 -19.22
C ASN A 302 1.41 44.45 -19.29
N GLU A 303 1.90 45.59 -18.82
CA GLU A 303 3.31 45.93 -18.97
C GLU A 303 4.16 45.27 -17.89
N LYS A 304 5.32 44.77 -18.30
CA LYS A 304 6.35 44.35 -17.37
C LYS A 304 7.24 45.56 -17.07
N ILE A 305 7.22 45.99 -15.81
CA ILE A 305 7.90 47.23 -15.43
C ILE A 305 8.97 46.99 -14.36
N VAL A 306 9.75 48.01 -14.07
CA VAL A 306 10.62 48.03 -12.90
C VAL A 306 10.18 49.23 -12.07
N ARG A 307 9.92 48.99 -10.78
CA ARG A 307 9.57 50.07 -9.85
C ARG A 307 10.69 50.29 -8.86
N ASP A 308 11.24 51.50 -8.83
CA ASP A 308 12.32 51.81 -7.88
C ASP A 308 11.85 51.80 -6.42
N ASP A 309 10.55 51.97 -6.21
CA ASP A 309 10.01 52.00 -4.84
C ASP A 309 9.91 50.59 -4.21
N LEU A 310 9.98 49.56 -5.07
CA LEU A 310 9.90 48.14 -4.67
C LEU A 310 11.28 47.50 -4.49
N LYS A 311 12.21 47.87 -5.37
CA LYS A 311 13.58 47.37 -5.40
C LYS A 311 14.32 47.41 -4.06
N GLY A 312 14.94 46.29 -3.67
CA GLY A 312 15.78 46.24 -2.47
C GLY A 312 15.07 46.23 -1.14
N ARG A 313 13.76 45.98 -1.14
CA ARG A 313 12.99 45.97 0.11
C ARG A 313 13.00 44.60 0.82
N LEU A 314 14.20 44.12 1.15
CA LEU A 314 14.35 42.81 1.83
C LEU A 314 15.74 42.56 2.38
N ASP A 315 15.81 42.20 3.66
CA ASP A 315 17.08 41.86 4.32
C ASP A 315 17.32 40.35 4.55
N TRP A 316 16.23 39.58 4.59
CA TRP A 316 16.30 38.14 4.88
C TRP A 316 15.02 37.44 4.40
N ILE A 317 15.08 36.11 4.28
CA ILE A 317 13.98 35.34 3.70
C ILE A 317 13.60 34.27 4.71
N GLY A 318 12.31 34.24 5.02
CA GLY A 318 11.74 33.24 5.91
C GLY A 318 11.21 32.14 5.03
N VAL A 319 11.84 30.97 5.15
CA VAL A 319 11.44 29.82 4.34
C VAL A 319 10.46 28.95 5.13
N ASN A 320 9.23 28.88 4.65
CA ASN A 320 8.23 27.99 5.21
C ASN A 320 8.20 26.79 4.27
N TYR A 321 8.27 25.59 4.83
CA TYR A 321 8.42 24.41 3.98
C TYR A 321 7.77 23.22 4.61
N TYR A 322 6.88 22.56 3.88
CA TYR A 322 6.24 21.37 4.41
C TYR A 322 6.40 20.12 3.52
N THR A 323 6.30 20.30 2.22
CA THR A 323 6.27 19.17 1.30
C THR A 323 6.61 19.60 -0.13
N ARG A 324 6.53 18.67 -1.09
CA ARG A 324 6.92 18.95 -2.47
C ARG A 324 5.70 19.15 -3.35
N THR A 325 5.91 19.65 -4.57
CA THR A 325 4.91 19.53 -5.61
C THR A 325 5.56 18.85 -6.81
N VAL A 326 4.90 17.84 -7.35
CA VAL A 326 5.43 17.15 -8.51
C VAL A 326 4.77 17.74 -9.76
N VAL A 327 5.60 18.10 -10.73
CA VAL A 327 5.08 18.73 -11.95
C VAL A 327 5.47 17.95 -13.20
N LYS A 328 4.68 18.11 -14.25
CA LYS A 328 5.06 17.56 -15.55
C LYS A 328 4.80 18.55 -16.68
N ARG A 329 5.71 18.53 -17.65
CA ARG A 329 5.61 19.30 -18.89
C ARG A 329 4.33 19.00 -19.64
N THR A 330 3.69 20.07 -20.14
CA THR A 330 2.44 19.96 -20.88
C THR A 330 2.56 20.67 -22.25
N GLU A 331 1.52 20.54 -23.10
CA GLU A 331 1.43 21.30 -24.36
C GLU A 331 1.36 22.79 -24.02
N LYS A 332 0.30 23.18 -23.30
CA LYS A 332 0.16 24.52 -22.72
C LYS A 332 1.42 24.96 -21.97
N GLY A 333 1.71 24.33 -20.82
CA GLY A 333 2.91 24.63 -20.03
C GLY A 333 3.36 23.48 -19.13
N TYR A 334 2.71 23.36 -17.99
CA TYR A 334 2.96 22.30 -17.01
C TYR A 334 1.73 22.16 -16.11
N VAL A 335 1.62 21.04 -15.39
CA VAL A 335 0.58 20.83 -14.39
C VAL A 335 1.15 20.20 -13.12
N SER A 336 0.54 20.52 -11.97
CA SER A 336 0.83 19.84 -10.70
C SER A 336 0.08 18.54 -10.68
N LEU A 337 0.67 17.51 -10.07
CA LEU A 337 0.02 16.20 -10.07
C LEU A 337 -0.59 15.89 -8.70
N GLY A 338 -1.82 15.38 -8.70
CA GLY A 338 -2.44 14.86 -7.49
C GLY A 338 -1.70 13.60 -7.04
N GLY A 339 -1.84 13.22 -5.77
CA GLY A 339 -1.21 11.98 -5.31
C GLY A 339 0.21 12.15 -4.83
N TYR A 340 0.74 13.37 -4.92
CA TYR A 340 2.04 13.74 -4.37
C TYR A 340 1.88 15.01 -3.54
N GLY A 341 2.93 15.36 -2.80
CA GLY A 341 2.96 16.63 -2.11
C GLY A 341 1.78 16.81 -1.17
N HIS A 342 1.09 17.94 -1.31
CA HIS A 342 -0.03 18.28 -0.44
C HIS A 342 -1.36 17.84 -1.05
N GLY A 343 -1.29 17.12 -2.17
CA GLY A 343 -2.49 16.60 -2.83
C GLY A 343 -2.66 15.09 -2.62
N CYS A 344 -2.33 14.59 -1.43
CA CYS A 344 -2.47 13.17 -1.12
C CYS A 344 -3.67 12.90 -0.20
N GLU A 345 -4.02 11.63 -0.04
CA GLU A 345 -4.96 11.20 1.01
C GLU A 345 -4.31 11.34 2.37
N ARG A 346 -5.14 11.65 3.36
CA ARG A 346 -4.74 11.75 4.75
C ARG A 346 -4.41 10.37 5.23
N ASN A 347 -3.35 10.28 6.03
CA ASN A 347 -3.02 9.03 6.70
C ASN A 347 -2.98 7.89 5.72
N SER A 348 -2.08 8.03 4.73
CA SER A 348 -1.94 7.08 3.66
C SER A 348 -0.52 7.16 3.10
N VAL A 349 -0.39 6.85 1.83
CA VAL A 349 0.89 6.81 1.15
C VAL A 349 0.70 7.56 -0.16
N SER A 350 1.72 8.29 -0.60
CA SER A 350 1.60 8.99 -1.87
C SER A 350 1.77 7.99 -3.00
N LEU A 351 1.62 8.45 -4.24
CA LEU A 351 1.87 7.60 -5.43
C LEU A 351 3.31 7.14 -5.52
N ALA A 352 4.20 7.79 -4.78
CA ALA A 352 5.60 7.38 -4.69
C ALA A 352 5.89 6.50 -3.45
N GLY A 353 4.86 6.04 -2.74
CA GLY A 353 5.06 5.20 -1.56
C GLY A 353 5.62 5.92 -0.33
N LEU A 354 5.52 7.24 -0.30
CA LEU A 354 5.96 7.99 0.86
C LEU A 354 4.77 8.29 1.78
N PRO A 355 4.97 8.24 3.11
CA PRO A 355 3.81 8.35 4.02
C PRO A 355 3.24 9.78 4.04
N THR A 356 1.93 9.90 4.25
CA THR A 356 1.26 11.20 4.29
C THR A 356 0.78 11.53 5.71
N SER A 357 0.71 12.82 6.03
CA SER A 357 0.31 13.29 7.37
C SER A 357 -1.20 13.22 7.59
N ASP A 358 -1.65 13.68 8.77
CA ASP A 358 -3.08 13.79 9.09
C ASP A 358 -3.73 14.78 8.11
N PHE A 359 -2.94 15.67 7.52
CA PHE A 359 -3.43 16.63 6.53
C PHE A 359 -3.33 16.11 5.09
N GLY A 360 -2.75 14.92 4.89
CA GLY A 360 -2.61 14.39 3.52
C GLY A 360 -1.37 14.94 2.82
N TRP A 361 -0.38 15.35 3.60
CA TRP A 361 0.85 15.88 3.04
C TRP A 361 2.01 14.87 3.05
N GLU A 362 2.70 14.78 1.91
CA GLU A 362 3.74 13.78 1.65
C GLU A 362 5.04 14.08 2.39
N PHE A 363 5.61 13.06 3.01
CA PHE A 363 6.92 13.17 3.66
C PHE A 363 8.02 13.41 2.59
N PHE A 364 8.72 14.54 2.62
CA PHE A 364 9.76 14.80 1.56
C PHE A 364 10.80 15.79 2.02
N PRO A 365 11.66 15.37 2.95
CA PRO A 365 12.59 16.30 3.55
C PRO A 365 13.62 16.95 2.60
N GLU A 366 13.97 16.27 1.50
CA GLU A 366 15.03 16.78 0.60
C GLU A 366 14.56 18.03 -0.09
N GLY A 367 13.24 18.22 -0.12
CA GLY A 367 12.66 19.43 -0.67
C GLY A 367 13.16 20.68 0.02
N LEU A 368 13.44 20.56 1.31
CA LEU A 368 13.90 21.70 2.10
C LEU A 368 15.31 22.12 1.65
N TYR A 369 16.21 21.12 1.51
CA TYR A 369 17.53 21.36 0.91
C TYR A 369 17.36 22.06 -0.45
N ASP A 370 16.53 21.50 -1.33
CA ASP A 370 16.23 22.13 -2.63
C ASP A 370 15.87 23.62 -2.48
N VAL A 371 14.86 23.91 -1.65
CA VAL A 371 14.37 25.29 -1.49
C VAL A 371 15.42 26.24 -0.92
N LEU A 372 16.11 25.81 0.13
CA LEU A 372 17.07 26.65 0.80
C LEU A 372 18.25 27.02 -0.11
N THR A 373 18.80 26.02 -0.81
CA THR A 373 19.91 26.23 -1.76
C THR A 373 19.49 27.05 -2.98
N LYS A 374 18.30 26.82 -3.51
CA LYS A 374 17.78 27.65 -4.61
C LYS A 374 17.58 29.13 -4.27
N TYR A 375 17.04 29.43 -3.09
CA TYR A 375 16.94 30.82 -2.66
C TYR A 375 18.33 31.41 -2.52
N TRP A 376 19.23 30.66 -1.89
CA TRP A 376 20.58 31.16 -1.63
C TRP A 376 21.34 31.51 -2.91
N ASN A 377 21.32 30.62 -3.89
CA ASN A 377 22.02 30.85 -5.14
C ASN A 377 21.44 32.00 -5.94
N ARG A 378 20.14 32.26 -5.77
CA ARG A 378 19.51 33.31 -6.56
C ARG A 378 19.72 34.72 -6.00
N TYR A 379 19.74 34.87 -4.68
CA TYR A 379 19.67 36.18 -4.04
C TYR A 379 20.77 36.45 -3.06
N HIS A 380 21.34 35.39 -2.49
CA HIS A 380 22.37 35.51 -1.45
C HIS A 380 21.94 36.31 -0.22
N LEU A 381 20.65 36.24 0.10
CA LEU A 381 20.15 36.76 1.37
C LEU A 381 20.06 35.62 2.36
N TYR A 382 20.55 35.84 3.58
CA TYR A 382 20.45 34.86 4.62
C TYR A 382 18.97 34.42 4.89
N MET A 383 18.83 33.27 5.57
CA MET A 383 17.51 32.67 5.75
C MET A 383 17.28 32.17 7.15
N TYR A 384 15.99 32.08 7.51
CA TYR A 384 15.57 31.27 8.63
C TYR A 384 14.58 30.30 8.03
N VAL A 385 14.55 29.08 8.56
CA VAL A 385 13.46 28.18 8.28
C VAL A 385 12.41 28.59 9.30
N THR A 386 11.38 29.28 8.83
CA THR A 386 10.44 29.94 9.74
C THR A 386 9.22 29.08 10.07
N GLU A 387 8.94 28.09 9.20
CA GLU A 387 8.01 26.99 9.53
C GLU A 387 8.43 25.68 8.93
N ASN A 388 8.17 24.60 9.67
CA ASN A 388 8.30 23.25 9.17
C ASN A 388 7.65 22.37 10.20
N GLY A 389 6.73 21.51 9.81
CA GLY A 389 6.04 20.69 10.81
C GLY A 389 5.05 19.77 10.17
N ILE A 390 4.31 19.04 10.99
CA ILE A 390 3.41 18.02 10.47
C ILE A 390 2.12 17.89 11.29
N ALA A 391 0.99 17.72 10.61
CA ALA A 391 -0.25 17.41 11.29
C ALA A 391 -0.15 15.96 11.69
N ASP A 392 -0.02 15.72 12.99
CA ASP A 392 0.26 14.38 13.52
C ASP A 392 -0.09 14.32 15.01
N ASP A 393 -1.36 14.09 15.34
CA ASP A 393 -1.81 14.08 16.74
C ASP A 393 -1.19 12.87 17.46
N ALA A 394 -1.06 11.75 16.76
CA ALA A 394 -0.54 10.49 17.35
C ALA A 394 0.95 10.57 17.66
N ASP A 395 1.65 11.45 16.97
CA ASP A 395 3.13 11.57 17.00
C ASP A 395 3.87 10.40 16.32
N TYR A 396 3.21 9.69 15.40
CA TYR A 396 3.87 8.59 14.70
C TYR A 396 5.04 9.08 13.83
N GLN A 397 4.80 10.12 13.04
CA GLN A 397 5.78 10.51 12.02
C GLN A 397 6.64 11.68 12.41
N ARG A 398 6.14 12.50 13.32
CA ARG A 398 6.83 13.74 13.67
C ARG A 398 8.31 13.54 14.11
N PRO A 399 8.61 12.48 14.88
CA PRO A 399 10.03 12.37 15.28
C PRO A 399 10.96 12.24 14.07
N TYR A 400 10.51 11.52 13.04
CA TYR A 400 11.28 11.33 11.80
C TYR A 400 11.26 12.63 11.00
N TYR A 401 10.09 13.27 10.98
CA TYR A 401 9.87 14.47 10.18
C TYR A 401 10.82 15.55 10.66
N LEU A 402 10.85 15.73 11.97
CA LEU A 402 11.71 16.71 12.61
C LEU A 402 13.20 16.47 12.37
N VAL A 403 13.71 15.30 12.75
CA VAL A 403 15.16 15.03 12.60
C VAL A 403 15.58 15.07 11.12
N SER A 404 14.75 14.53 10.24
CA SER A 404 15.05 14.55 8.82
C SER A 404 15.17 15.93 8.21
N HIS A 405 14.22 16.83 8.53
CA HIS A 405 14.28 18.19 7.98
C HIS A 405 15.39 18.97 8.62
N VAL A 406 15.60 18.81 9.92
CA VAL A 406 16.73 19.49 10.58
C VAL A 406 18.05 19.02 9.92
N TYR A 407 18.16 17.74 9.55
CA TYR A 407 19.36 17.25 8.83
C TYR A 407 19.50 17.99 7.50
N GLN A 408 18.40 18.23 6.81
CA GLN A 408 18.46 18.90 5.52
C GLN A 408 18.94 20.34 5.60
N VAL A 409 18.67 21.03 6.72
CA VAL A 409 19.15 22.37 6.96
C VAL A 409 20.68 22.32 7.14
N HIS A 410 21.15 21.34 7.90
CA HIS A 410 22.58 21.07 8.04
C HIS A 410 23.25 20.86 6.67
N ARG A 411 22.63 20.05 5.82
CA ARG A 411 23.10 19.83 4.47
C ARG A 411 23.23 21.17 3.74
N ALA A 412 22.18 21.99 3.86
CA ALA A 412 22.14 23.30 3.19
C ALA A 412 23.26 24.23 3.68
N ILE A 413 23.47 24.27 4.98
CA ILE A 413 24.55 25.08 5.52
C ILE A 413 25.91 24.55 4.99
N ASN A 414 26.03 23.23 4.95
CA ASN A 414 27.25 22.61 4.49
C ASN A 414 27.59 22.96 3.04
N SER A 415 26.55 23.21 2.26
CA SER A 415 26.72 23.60 0.87
CA SER A 415 26.67 23.60 0.87
C SER A 415 27.01 25.09 0.74
N GLY A 416 27.04 25.79 1.87
CA GLY A 416 27.35 27.22 1.87
C GLY A 416 26.19 28.17 2.08
N ALA A 417 24.95 27.68 2.10
CA ALA A 417 23.79 28.55 2.30
C ALA A 417 23.78 29.16 3.72
N ASP A 418 23.53 30.46 3.81
CA ASP A 418 23.47 31.14 5.09
C ASP A 418 22.08 30.93 5.66
N VAL A 419 21.93 29.91 6.51
CA VAL A 419 20.66 29.64 7.20
C VAL A 419 20.94 29.75 8.70
N ARG A 420 20.15 30.57 9.40
CA ARG A 420 20.54 30.98 10.76
C ARG A 420 19.69 30.42 11.90
N GLY A 421 18.60 29.74 11.56
CA GLY A 421 17.81 29.09 12.58
C GLY A 421 16.76 28.20 11.98
N TYR A 422 16.17 27.37 12.82
CA TYR A 422 15.12 26.48 12.42
C TYR A 422 13.98 26.64 13.41
N LEU A 423 12.78 26.95 12.88
CA LEU A 423 11.61 27.20 13.72
C LEU A 423 10.52 26.22 13.39
N HIS A 424 10.25 25.32 14.31
CA HIS A 424 9.23 24.32 14.09
C HIS A 424 7.83 24.96 14.11
N TRP A 425 6.94 24.49 13.24
CA TRP A 425 5.52 24.81 13.40
C TRP A 425 4.85 23.59 14.01
N SER A 426 4.49 23.61 15.29
CA SER A 426 4.55 24.76 16.20
C SER A 426 4.90 24.21 17.58
N LEU A 427 5.07 25.08 18.56
CA LEU A 427 5.24 24.64 19.96
C LEU A 427 4.08 23.76 20.45
N ALA A 428 2.84 24.24 20.24
CA ALA A 428 1.65 23.55 20.72
C ALA A 428 0.59 23.52 19.63
N ASP A 429 -0.35 22.57 19.75
CA ASP A 429 -1.52 22.53 18.89
C ASP A 429 -2.21 23.91 18.86
N ASN A 430 -2.90 24.19 17.76
CA ASN A 430 -3.59 25.48 17.61
C ASN A 430 -4.69 25.39 16.58
N TYR A 431 -5.38 26.50 16.37
CA TYR A 431 -6.52 26.54 15.44
C TYR A 431 -6.08 26.60 13.97
N GLU A 432 -6.31 25.51 13.24
CA GLU A 432 -5.82 25.40 11.89
C GLU A 432 -6.85 25.94 10.91
N TRP A 433 -7.11 27.22 11.01
CA TRP A 433 -7.86 27.92 9.97
C TRP A 433 -9.19 27.26 9.66
N ALA A 434 -9.47 27.04 8.39
CA ALA A 434 -10.73 26.45 7.97
C ALA A 434 -10.90 24.99 8.47
N SER A 435 -9.78 24.32 8.79
CA SER A 435 -9.81 22.93 9.25
C SER A 435 -10.17 22.81 10.73
N GLY A 436 -10.00 23.89 11.49
CA GLY A 436 -10.35 23.85 12.93
C GLY A 436 -9.25 23.22 13.79
N PHE A 437 -9.63 22.64 14.93
CA PHE A 437 -8.66 22.11 15.88
C PHE A 437 -8.10 20.68 15.53
N SER A 438 -8.72 19.95 14.62
CA SER A 438 -8.34 18.53 14.44
C SER A 438 -6.97 18.33 13.79
N MET A 439 -6.41 19.38 13.18
CA MET A 439 -5.08 19.33 12.60
C MET A 439 -4.09 19.81 13.65
N ARG A 440 -3.37 18.85 14.23
CA ARG A 440 -2.59 19.09 15.42
C ARG A 440 -1.11 19.04 15.09
N PHE A 441 -0.51 20.22 15.09
CA PHE A 441 0.87 20.43 14.57
C PHE A 441 1.85 20.57 15.70
N GLY A 442 1.36 20.48 16.92
CA GLY A 442 2.20 20.79 18.07
C GLY A 442 3.25 19.75 18.42
N LEU A 443 4.42 20.23 18.87
CA LEU A 443 5.34 19.39 19.62
C LEU A 443 4.65 19.08 20.95
N LEU A 444 3.84 20.04 21.43
CA LEU A 444 3.04 19.85 22.64
C LEU A 444 1.59 19.63 22.27
N LYS A 445 0.98 18.62 22.87
CA LYS A 445 -0.44 18.37 22.68
C LYS A 445 -1.27 19.32 23.56
N VAL A 446 -2.37 19.86 23.01
CA VAL A 446 -3.29 20.70 23.82
C VAL A 446 -4.57 19.93 24.17
N ASP A 447 -4.87 19.86 25.44
CA ASP A 447 -6.21 19.44 25.85
C ASP A 447 -7.06 20.72 25.81
N TYR A 448 -7.98 20.83 24.85
CA TYR A 448 -8.74 22.09 24.69
C TYR A 448 -9.78 22.35 25.79
N ASN A 449 -10.11 21.33 26.57
CA ASN A 449 -11.00 21.51 27.74
C ASN A 449 -10.28 22.17 28.90
N THR A 450 -9.08 21.72 29.23
CA THR A 450 -8.35 22.21 30.40
C THR A 450 -7.28 23.21 30.02
N LYS A 451 -6.95 23.28 28.74
CA LYS A 451 -5.83 24.10 28.24
C LYS A 451 -4.46 23.59 28.75
N ARG A 452 -4.43 22.39 29.32
CA ARG A 452 -3.15 21.76 29.69
C ARG A 452 -2.32 21.36 28.46
N LEU A 453 -1.01 21.55 28.58
CA LEU A 453 -0.04 21.17 27.56
C LEU A 453 0.67 19.85 27.92
N TYR A 454 0.84 18.98 26.93
CA TYR A 454 1.51 17.68 27.12
C TYR A 454 2.68 17.57 26.13
N TRP A 455 3.74 16.89 26.56
CA TRP A 455 4.93 16.71 25.72
C TRP A 455 4.78 15.47 24.84
N ARG A 456 4.63 15.62 23.54
CA ARG A 456 4.61 14.44 22.68
C ARG A 456 6.09 13.93 22.67
N PRO A 457 6.32 12.63 22.47
CA PRO A 457 7.74 12.16 22.40
C PRO A 457 8.61 13.05 21.47
N SER A 458 8.08 13.54 20.37
CA SER A 458 8.86 14.47 19.52
CA SER A 458 8.79 14.51 19.50
C SER A 458 9.34 15.73 20.24
N ALA A 459 8.64 16.18 21.26
CA ALA A 459 9.09 17.36 22.02
C ALA A 459 10.38 17.00 22.77
N LEU A 460 10.46 15.76 23.23
CA LEU A 460 11.65 15.26 23.93
C LEU A 460 12.85 15.11 22.97
N VAL A 461 12.56 14.64 21.77
CA VAL A 461 13.55 14.59 20.66
C VAL A 461 14.05 16.00 20.36
N TYR A 462 13.12 16.95 20.23
CA TYR A 462 13.52 18.35 19.96
C TYR A 462 14.37 18.93 21.07
N ARG A 463 14.09 18.60 22.32
CA ARG A 463 14.95 19.05 23.40
C ARG A 463 16.38 18.51 23.20
N GLU A 464 16.52 17.25 22.76
CA GLU A 464 17.86 16.67 22.49
C GLU A 464 18.59 17.48 21.44
N ILE A 465 17.87 17.86 20.38
CA ILE A 465 18.50 18.63 19.29
C ILE A 465 18.90 20.03 19.79
N ALA A 466 17.96 20.72 20.46
CA ALA A 466 18.17 22.12 20.83
C ALA A 466 19.24 22.28 21.87
N THR A 467 19.17 21.48 22.94
CA THR A 467 20.13 21.59 24.03
C THR A 467 21.57 21.24 23.58
N ASN A 468 21.70 20.42 22.54
CA ASN A 468 23.03 20.06 22.04
C ASN A 468 23.47 20.90 20.85
N GLY A 469 22.54 21.62 20.23
CA GLY A 469 22.83 22.36 19.01
C GLY A 469 23.26 21.39 17.93
N ALA A 470 22.66 20.21 17.93
CA ALA A 470 23.08 19.14 17.02
C ALA A 470 22.05 18.01 16.99
N ILE A 471 21.99 17.30 15.88
CA ILE A 471 21.40 15.96 15.88
C ILE A 471 22.49 15.05 16.48
N THR A 472 22.23 14.53 17.68
CA THR A 472 23.19 13.74 18.43
C THR A 472 23.26 12.35 17.80
N ASP A 473 24.34 11.62 18.05
CA ASP A 473 24.48 10.27 17.51
C ASP A 473 23.28 9.43 17.93
N GLU A 474 22.78 9.63 19.15
CA GLU A 474 21.70 8.77 19.65
C GLU A 474 20.33 8.87 18.96
N ILE A 475 20.10 9.95 18.20
CA ILE A 475 18.81 10.13 17.50
C ILE A 475 18.95 10.16 15.99
N GLU A 476 20.18 9.95 15.51
CA GLU A 476 20.45 10.05 14.09
CA GLU A 476 20.53 9.93 14.09
C GLU A 476 19.63 9.07 13.24
N HIS A 477 19.16 7.97 13.82
CA HIS A 477 18.36 7.00 13.06
C HIS A 477 17.04 7.61 12.56
N LEU A 478 16.60 8.72 13.19
CA LEU A 478 15.32 9.37 12.85
C LEU A 478 15.45 10.20 11.58
N ASN A 479 16.67 10.26 11.05
CA ASN A 479 16.89 10.86 9.73
C ASN A 479 16.60 9.82 8.68
N SER A 480 15.31 9.46 8.61
CA SER A 480 14.82 8.42 7.74
C SER A 480 13.32 8.63 7.56
N VAL A 481 12.77 7.91 6.59
CA VAL A 481 11.34 7.89 6.30
C VAL A 481 10.62 7.02 7.35
N PRO A 482 9.49 7.51 7.92
CA PRO A 482 8.77 6.66 8.86
C PRO A 482 8.42 5.33 8.19
N PRO A 483 8.71 4.18 8.85
CA PRO A 483 8.30 2.90 8.25
C PRO A 483 6.83 2.92 7.78
N VAL A 484 6.58 2.51 6.55
CA VAL A 484 5.24 2.58 5.95
CA VAL A 484 5.26 2.57 5.93
C VAL A 484 4.38 1.34 6.22
N LYS A 485 5.00 0.17 6.33
CA LYS A 485 4.27 -1.09 6.55
CA LYS A 485 4.19 -1.03 6.49
C LYS A 485 3.27 -0.99 7.73
N PRO A 486 3.73 -0.48 8.89
CA PRO A 486 2.77 -0.43 10.01
C PRO A 486 1.73 0.69 9.96
N LEU A 487 1.89 1.64 9.02
CA LEU A 487 0.97 2.77 8.92
C LEU A 487 -0.18 2.48 7.94
N ARG A 488 -1.23 3.29 8.02
CA ARG A 488 -2.34 3.13 7.09
C ARG A 488 -1.91 3.36 5.64
N HIS A 489 -2.43 2.53 4.74
CA HIS A 489 -2.34 2.81 3.31
C HIS A 489 -3.78 2.99 2.78
N MET B 1 -12.31 -10.78 -29.13
CA MET B 1 -12.61 -12.18 -28.77
C MET B 1 -11.31 -12.98 -28.78
N TYR B 2 -11.17 -13.90 -27.83
CA TYR B 2 -10.10 -14.91 -27.87
C TYR B 2 -10.73 -16.29 -27.95
N SER B 3 -10.69 -16.86 -29.15
CA SER B 3 -11.38 -18.10 -29.44
C SER B 3 -10.44 -19.28 -29.27
N PHE B 4 -10.99 -20.36 -28.74
CA PHE B 4 -10.19 -21.54 -28.47
C PHE B 4 -10.47 -22.53 -29.60
N PRO B 5 -9.56 -23.51 -29.83
CA PRO B 5 -9.83 -24.51 -30.87
C PRO B 5 -11.17 -25.20 -30.62
N ASN B 6 -11.80 -25.70 -31.67
CA ASN B 6 -13.09 -26.41 -31.53
C ASN B 6 -13.04 -27.61 -30.58
N SER B 7 -11.85 -28.21 -30.45
CA SER B 7 -11.64 -29.38 -29.58
CA SER B 7 -11.72 -29.37 -29.57
C SER B 7 -11.31 -29.01 -28.13
N PHE B 8 -11.01 -27.74 -27.87
CA PHE B 8 -10.63 -27.32 -26.51
C PHE B 8 -11.80 -27.43 -25.53
N ARG B 9 -11.56 -27.94 -24.33
CA ARG B 9 -12.64 -28.06 -23.35
CA ARG B 9 -12.62 -28.10 -23.34
C ARG B 9 -12.37 -27.27 -22.08
N PHE B 10 -13.43 -26.60 -21.60
CA PHE B 10 -13.39 -25.87 -20.31
C PHE B 10 -14.09 -26.69 -19.25
N GLY B 11 -13.49 -26.78 -18.07
CA GLY B 11 -14.12 -27.52 -17.02
C GLY B 11 -13.58 -27.25 -15.65
N TRP B 12 -13.55 -28.29 -14.83
CA TRP B 12 -13.07 -28.17 -13.47
C TRP B 12 -12.40 -29.43 -12.95
N SER B 13 -11.65 -29.25 -11.87
CA SER B 13 -11.03 -30.35 -11.17
C SER B 13 -11.53 -30.35 -9.75
N GLN B 14 -11.57 -31.53 -9.12
CA GLN B 14 -11.85 -31.61 -7.68
C GLN B 14 -11.27 -32.90 -7.11
N ALA B 15 -11.19 -32.99 -5.78
CA ALA B 15 -10.61 -34.16 -5.13
C ALA B 15 -11.66 -34.90 -4.30
N GLY B 16 -11.46 -36.21 -4.15
CA GLY B 16 -12.34 -37.03 -3.35
C GLY B 16 -12.41 -36.55 -1.91
N PHE B 17 -11.26 -36.46 -1.26
CA PHE B 17 -11.21 -36.13 0.16
C PHE B 17 -11.72 -34.72 0.47
N GLN B 18 -11.51 -33.79 -0.46
CA GLN B 18 -11.90 -32.40 -0.24
C GLN B 18 -13.40 -32.13 -0.42
N SER B 19 -14.02 -32.90 -1.31
CA SER B 19 -15.38 -32.61 -1.74
C SER B 19 -16.41 -33.70 -1.44
N GLU B 20 -15.98 -34.95 -1.22
CA GLU B 20 -16.95 -36.08 -1.17
C GLU B 20 -17.81 -36.04 0.07
N MET B 21 -17.19 -35.84 1.21
CA MET B 21 -17.90 -35.97 2.48
C MET B 21 -18.79 -34.77 2.78
N GLY B 22 -19.78 -35.01 3.63
CA GLY B 22 -20.61 -33.94 4.13
C GLY B 22 -22.04 -34.37 4.16
N THR B 23 -22.39 -35.33 3.29
CA THR B 23 -23.69 -35.96 3.33
C THR B 23 -23.65 -37.20 4.27
N PRO B 24 -24.55 -37.24 5.27
CA PRO B 24 -24.61 -38.51 6.06
C PRO B 24 -24.60 -39.78 5.14
N GLY B 25 -23.75 -40.76 5.45
CA GLY B 25 -23.47 -41.91 4.57
C GLY B 25 -22.12 -41.88 3.82
N SER B 26 -21.49 -40.72 3.80
CA SER B 26 -20.34 -40.50 2.93
C SER B 26 -19.00 -40.62 3.65
N GLU B 27 -19.05 -40.76 4.97
CA GLU B 27 -17.85 -40.72 5.80
CA GLU B 27 -17.83 -40.70 5.78
C GLU B 27 -16.85 -41.81 5.43
N ASP B 28 -15.58 -41.44 5.31
CA ASP B 28 -14.52 -42.39 5.02
C ASP B 28 -13.42 -42.14 6.04
N PRO B 29 -13.47 -42.85 7.21
CA PRO B 29 -12.51 -42.64 8.25
C PRO B 29 -11.18 -43.34 8.00
N ASN B 30 -11.01 -43.96 6.83
CA ASN B 30 -9.90 -44.90 6.66
C ASN B 30 -8.72 -44.38 5.86
N THR B 31 -8.35 -43.11 6.07
CA THR B 31 -7.16 -42.56 5.42
C THR B 31 -6.20 -41.96 6.44
N ASP B 32 -4.93 -41.85 6.03
CA ASP B 32 -3.96 -41.14 6.84
C ASP B 32 -4.47 -39.72 7.10
N TRP B 33 -4.90 -39.02 6.06
CA TRP B 33 -5.44 -37.66 6.16
C TRP B 33 -6.64 -37.48 7.13
N TYR B 34 -7.58 -38.42 7.10
CA TYR B 34 -8.73 -38.36 8.02
C TYR B 34 -8.21 -38.43 9.44
N LYS B 35 -7.38 -39.44 9.73
CA LYS B 35 -6.78 -39.58 11.07
C LYS B 35 -5.99 -38.34 11.44
N TRP B 36 -5.20 -37.85 10.49
CA TRP B 36 -4.32 -36.68 10.70
C TRP B 36 -5.11 -35.42 11.16
N VAL B 37 -6.23 -35.12 10.52
CA VAL B 37 -6.97 -33.87 10.84
C VAL B 37 -7.90 -34.00 12.07
N HIS B 38 -8.12 -35.24 12.50
CA HIS B 38 -8.83 -35.48 13.76
C HIS B 38 -7.91 -35.61 14.95
N ASP B 39 -6.59 -35.66 14.71
CA ASP B 39 -5.65 -35.89 15.80
C ASP B 39 -5.68 -34.75 16.82
N PRO B 40 -5.95 -35.08 18.12
CA PRO B 40 -5.99 -34.01 19.14
C PRO B 40 -4.68 -33.18 19.31
N GLU B 41 -3.52 -33.81 19.14
CA GLU B 41 -2.24 -33.10 19.27
C GLU B 41 -2.00 -32.16 18.06
N ASN B 42 -2.25 -32.65 16.84
CA ASN B 42 -2.23 -31.78 15.66
C ASN B 42 -3.16 -30.55 15.80
N MET B 43 -4.35 -30.75 16.38
CA MET B 43 -5.31 -29.66 16.60
CA MET B 43 -5.32 -29.68 16.60
C MET B 43 -4.78 -28.64 17.61
N ALA B 44 -4.30 -29.12 18.75
CA ALA B 44 -3.70 -28.24 19.76
C ALA B 44 -2.47 -27.53 19.25
N ALA B 45 -1.71 -28.18 18.37
CA ALA B 45 -0.50 -27.53 17.82
C ALA B 45 -0.88 -26.44 16.80
N GLY B 46 -2.11 -26.49 16.31
CA GLY B 46 -2.55 -25.59 15.23
C GLY B 46 -2.00 -26.05 13.88
N LEU B 47 -1.55 -27.30 13.80
CA LEU B 47 -1.04 -27.88 12.55
C LEU B 47 -2.20 -28.11 11.55
N VAL B 48 -3.38 -28.44 12.08
CA VAL B 48 -4.59 -28.55 11.29
C VAL B 48 -5.62 -27.60 11.90
N SER B 49 -6.58 -27.19 11.09
CA SER B 49 -7.54 -26.13 11.48
C SER B 49 -8.54 -26.53 12.59
N GLY B 50 -8.83 -27.81 12.77
CA GLY B 50 -9.94 -28.23 13.64
C GLY B 50 -11.20 -28.49 12.84
N ASP B 51 -11.27 -27.98 11.61
CA ASP B 51 -12.37 -28.27 10.71
C ASP B 51 -12.26 -29.71 10.29
N LEU B 52 -13.39 -30.34 10.05
CA LEU B 52 -13.40 -31.78 9.80
C LEU B 52 -14.06 -32.05 8.49
N PRO B 53 -13.45 -32.93 7.69
CA PRO B 53 -13.91 -33.14 6.33
C PRO B 53 -15.29 -33.75 6.20
N GLU B 54 -15.79 -34.42 7.25
CA GLU B 54 -17.13 -34.99 7.19
C GLU B 54 -18.20 -33.89 7.26
N ASN B 55 -17.79 -32.64 7.48
CA ASN B 55 -18.72 -31.50 7.45
C ASN B 55 -18.66 -30.73 6.13
N GLY B 56 -18.19 -31.42 5.09
CA GLY B 56 -17.84 -30.83 3.82
C GLY B 56 -19.00 -30.65 2.88
N PRO B 57 -18.69 -30.40 1.59
CA PRO B 57 -19.72 -30.01 0.64
C PRO B 57 -20.63 -31.15 0.15
N GLY B 58 -20.29 -32.41 0.42
CA GLY B 58 -21.20 -33.55 0.18
C GLY B 58 -21.39 -33.99 -1.25
N TYR B 59 -20.31 -33.98 -2.04
CA TYR B 59 -20.38 -34.47 -3.42
C TYR B 59 -20.85 -35.92 -3.50
N TRP B 60 -20.54 -36.72 -2.47
CA TRP B 60 -20.93 -38.15 -2.45
C TRP B 60 -22.44 -38.32 -2.68
N GLY B 61 -23.26 -37.57 -1.92
CA GLY B 61 -24.72 -37.63 -2.10
C GLY B 61 -25.26 -36.59 -3.07
N ASN B 62 -24.56 -35.46 -3.22
CA ASN B 62 -25.12 -34.33 -3.98
C ASN B 62 -24.52 -34.16 -5.37
N TYR B 63 -23.84 -35.20 -5.87
CA TYR B 63 -23.13 -35.09 -7.15
C TYR B 63 -24.03 -34.63 -8.31
N LYS B 64 -25.31 -34.99 -8.28
CA LYS B 64 -26.24 -34.60 -9.36
C LYS B 64 -26.47 -33.08 -9.42
N THR B 65 -26.54 -32.45 -8.27
CA THR B 65 -26.58 -30.98 -8.17
C THR B 65 -25.27 -30.35 -8.70
N PHE B 66 -24.11 -30.85 -8.27
CA PHE B 66 -22.82 -30.39 -8.82
C PHE B 66 -22.84 -30.46 -10.33
N HIS B 67 -23.26 -31.61 -10.86
CA HIS B 67 -23.24 -31.85 -12.30
C HIS B 67 -24.26 -30.99 -13.05
N ASP B 68 -25.45 -30.79 -12.46
CA ASP B 68 -26.49 -29.88 -13.00
C ASP B 68 -25.88 -28.49 -13.22
N ASN B 69 -25.25 -27.96 -12.17
CA ASN B 69 -24.57 -26.68 -12.23
C ASN B 69 -23.42 -26.60 -13.25
N ALA B 70 -22.59 -27.65 -13.31
CA ALA B 70 -21.52 -27.73 -14.32
C ALA B 70 -22.11 -27.74 -15.73
N GLN B 71 -23.19 -28.48 -15.92
CA GLN B 71 -23.87 -28.51 -17.23
C GLN B 71 -24.43 -27.13 -17.61
N LYS B 72 -25.14 -26.50 -16.66
CA LYS B 72 -25.71 -25.14 -16.85
C LYS B 72 -24.61 -24.15 -17.20
N MET B 73 -23.43 -24.38 -16.65
CA MET B 73 -22.26 -23.50 -16.83
C MET B 73 -21.57 -23.73 -18.18
N GLY B 74 -22.01 -24.77 -18.91
CA GLY B 74 -21.47 -25.08 -20.21
C GLY B 74 -20.14 -25.81 -20.17
N LEU B 75 -19.83 -26.44 -19.04
CA LEU B 75 -18.55 -27.15 -18.85
C LEU B 75 -18.52 -28.45 -19.65
N LYS B 76 -17.38 -28.77 -20.26
CA LYS B 76 -17.26 -30.01 -21.05
CA LYS B 76 -17.38 -29.75 -21.36
C LYS B 76 -16.20 -31.04 -20.61
N ILE B 77 -15.54 -30.80 -19.47
CA ILE B 77 -14.50 -31.70 -18.96
C ILE B 77 -14.49 -31.62 -17.44
N ALA B 78 -14.16 -32.75 -16.81
CA ALA B 78 -13.99 -32.84 -15.37
C ALA B 78 -12.81 -33.73 -15.08
N ARG B 79 -12.02 -33.37 -14.08
CA ARG B 79 -11.02 -34.27 -13.51
C ARG B 79 -11.36 -34.46 -12.03
N LEU B 80 -11.44 -35.73 -11.63
CA LEU B 80 -11.84 -36.16 -10.28
C LEU B 80 -10.98 -37.38 -9.97
N ASN B 81 -10.90 -37.77 -8.71
CA ASN B 81 -10.24 -39.02 -8.38
C ASN B 81 -11.17 -39.98 -7.63
N VAL B 82 -10.85 -41.27 -7.74
CA VAL B 82 -11.34 -42.26 -6.80
C VAL B 82 -10.46 -42.27 -5.53
N GLU B 83 -11.09 -42.47 -4.37
CA GLU B 83 -10.32 -42.60 -3.14
C GLU B 83 -9.98 -44.08 -2.87
N TRP B 84 -8.69 -44.39 -3.01
CA TRP B 84 -8.10 -45.67 -2.67
C TRP B 84 -8.75 -46.35 -1.45
N SER B 85 -8.80 -45.64 -0.33
CA SER B 85 -9.34 -46.11 0.93
C SER B 85 -10.82 -46.49 0.90
N ARG B 86 -11.56 -45.94 -0.06
CA ARG B 86 -12.97 -46.31 -0.20
C ARG B 86 -13.11 -47.69 -0.88
N ILE B 87 -12.24 -47.96 -1.85
CA ILE B 87 -12.30 -49.20 -2.59
C ILE B 87 -11.63 -50.32 -1.76
N PHE B 88 -10.47 -50.03 -1.17
CA PHE B 88 -9.72 -51.00 -0.38
C PHE B 88 -9.46 -50.50 1.03
N PRO B 89 -10.49 -50.51 1.91
CA PRO B 89 -10.35 -50.01 3.27
C PRO B 89 -9.61 -50.94 4.24
N ASN B 90 -9.47 -52.21 3.84
CA ASN B 90 -8.91 -53.25 4.70
C ASN B 90 -7.57 -53.73 4.16
N PRO B 91 -6.64 -54.04 5.06
CA PRO B 91 -5.31 -54.55 4.64
C PRO B 91 -5.38 -55.76 3.70
N LEU B 92 -4.55 -55.69 2.65
CA LEU B 92 -4.38 -56.78 1.70
C LEU B 92 -3.20 -57.65 2.10
N PRO B 93 -3.32 -58.99 1.93
CA PRO B 93 -2.22 -59.91 2.27
C PRO B 93 -0.93 -59.52 1.57
N ARG B 94 0.15 -59.39 2.35
CA ARG B 94 1.46 -59.05 1.78
C ARG B 94 1.86 -60.17 0.84
N PRO B 95 2.19 -59.85 -0.43
CA PRO B 95 2.63 -60.86 -1.39
C PRO B 95 3.87 -61.62 -0.91
N GLN B 96 4.06 -62.83 -1.43
CA GLN B 96 5.19 -63.68 -1.05
CA GLN B 96 5.20 -63.66 -1.04
C GLN B 96 6.39 -63.42 -1.96
N ASN B 97 6.11 -63.17 -3.24
CA ASN B 97 7.11 -62.83 -4.25
C ASN B 97 7.89 -61.52 -3.96
N PHE B 98 7.29 -60.64 -3.16
CA PHE B 98 7.77 -59.26 -2.98
C PHE B 98 8.90 -59.09 -1.93
N ASP B 99 10.02 -58.53 -2.38
CA ASP B 99 11.15 -58.23 -1.51
C ASP B 99 11.21 -56.74 -1.15
N GLU B 100 10.79 -56.41 0.07
CA GLU B 100 10.60 -55.01 0.50
C GLU B 100 11.91 -54.27 0.85
N SER B 101 13.00 -55.02 0.93
CA SER B 101 14.33 -54.47 1.19
C SER B 101 14.94 -53.84 -0.06
N LYS B 102 14.41 -54.27 -1.22
CA LYS B 102 14.85 -53.80 -2.54
C LYS B 102 14.42 -52.35 -2.80
N GLN B 103 15.35 -51.49 -3.21
CA GLN B 103 15.08 -50.07 -3.49
C GLN B 103 14.25 -49.86 -4.74
N ASP B 104 14.60 -50.60 -5.79
CA ASP B 104 13.93 -50.45 -7.07
C ASP B 104 12.75 -51.39 -7.22
N VAL B 105 11.64 -50.85 -7.71
CA VAL B 105 10.49 -51.63 -8.15
C VAL B 105 10.42 -51.39 -9.64
N THR B 106 10.95 -52.35 -10.41
CA THR B 106 11.12 -52.19 -11.85
C THR B 106 9.97 -52.81 -12.61
N GLU B 107 9.26 -53.74 -11.97
CA GLU B 107 8.12 -54.39 -12.59
C GLU B 107 7.12 -54.82 -11.52
N VAL B 108 5.84 -54.72 -11.86
CA VAL B 108 4.76 -55.26 -11.03
C VAL B 108 3.83 -56.01 -11.97
N GLU B 109 3.82 -57.34 -11.83
CA GLU B 109 3.06 -58.18 -12.75
C GLU B 109 1.60 -58.14 -12.39
N ILE B 110 0.78 -57.73 -13.37
CA ILE B 110 -0.66 -57.74 -13.21
C ILE B 110 -1.24 -58.57 -14.34
N ASN B 111 -2.21 -59.41 -14.02
CA ASN B 111 -2.85 -60.28 -14.99
C ASN B 111 -4.30 -60.41 -14.57
N GLU B 112 -5.10 -61.10 -15.39
CA GLU B 112 -6.53 -61.24 -15.09
C GLU B 112 -6.86 -61.91 -13.75
N ASN B 113 -6.10 -62.95 -13.39
CA ASN B 113 -6.36 -63.69 -12.14
C ASN B 113 -6.02 -62.84 -10.94
N GLU B 114 -4.90 -62.12 -11.05
CA GLU B 114 -4.50 -61.05 -10.14
C GLU B 114 -5.66 -60.05 -9.93
N LEU B 115 -6.11 -59.43 -11.01
CA LEU B 115 -7.23 -58.49 -10.96
C LEU B 115 -8.47 -59.11 -10.31
N LYS B 116 -8.77 -60.37 -10.67
CA LYS B 116 -9.91 -61.09 -10.11
C LYS B 116 -9.73 -61.34 -8.61
N ARG B 117 -8.49 -61.56 -8.18
CA ARG B 117 -8.17 -61.75 -6.77
C ARG B 117 -8.40 -60.45 -5.98
N LEU B 118 -7.93 -59.34 -6.53
CA LEU B 118 -8.13 -58.00 -5.95
C LEU B 118 -9.61 -57.74 -5.77
N ASP B 119 -10.35 -58.02 -6.83
CA ASP B 119 -11.78 -57.84 -6.86
C ASP B 119 -12.50 -58.35 -5.61
N GLU B 120 -11.93 -59.36 -4.95
CA GLU B 120 -12.63 -60.00 -3.84
C GLU B 120 -12.48 -59.18 -2.58
N TYR B 121 -11.44 -58.37 -2.55
CA TYR B 121 -11.21 -57.52 -1.39
C TYR B 121 -11.86 -56.13 -1.55
N ALA B 122 -12.29 -55.82 -2.77
CA ALA B 122 -12.76 -54.48 -3.11
C ALA B 122 -14.16 -54.21 -2.55
N ASN B 123 -14.37 -52.97 -2.11
CA ASN B 123 -15.68 -52.55 -1.58
C ASN B 123 -16.60 -52.29 -2.75
N LYS B 124 -17.60 -53.15 -2.90
CA LYS B 124 -18.47 -53.07 -4.07
C LYS B 124 -19.51 -51.95 -4.00
N ASP B 125 -19.96 -51.62 -2.80
CA ASP B 125 -20.84 -50.45 -2.59
C ASP B 125 -20.18 -49.13 -3.07
N ALA B 126 -18.97 -48.87 -2.59
CA ALA B 126 -18.14 -47.74 -3.02
C ALA B 126 -17.92 -47.79 -4.52
N LEU B 127 -17.55 -48.96 -5.01
CA LEU B 127 -17.32 -49.16 -6.44
C LEU B 127 -18.57 -48.85 -7.27
N ASN B 128 -19.74 -49.32 -6.82
CA ASN B 128 -21.01 -49.05 -7.49
CA ASN B 128 -21.02 -49.04 -7.47
C ASN B 128 -21.42 -47.57 -7.38
N HIS B 129 -21.14 -46.95 -6.23
CA HIS B 129 -21.43 -45.51 -6.06
C HIS B 129 -20.58 -44.65 -7.03
N TYR B 130 -19.28 -44.91 -7.11
CA TYR B 130 -18.44 -44.23 -8.12
C TYR B 130 -18.96 -44.38 -9.54
N ARG B 131 -19.29 -45.61 -9.94
CA ARG B 131 -19.90 -45.85 -11.26
C ARG B 131 -21.16 -44.98 -11.48
N GLU B 132 -22.04 -44.93 -10.47
CA GLU B 132 -23.23 -44.05 -10.51
CA GLU B 132 -23.22 -44.07 -10.59
C GLU B 132 -22.83 -42.58 -10.72
N ILE B 133 -21.87 -42.12 -9.91
CA ILE B 133 -21.37 -40.74 -10.05
C ILE B 133 -20.84 -40.51 -11.46
N PHE B 134 -19.98 -41.42 -11.93
CA PHE B 134 -19.30 -41.23 -13.22
C PHE B 134 -20.19 -41.37 -14.43
N LYS B 135 -21.23 -42.21 -14.31
CA LYS B 135 -22.22 -42.36 -15.38
C LYS B 135 -23.02 -41.07 -15.46
N ASP B 136 -23.42 -40.56 -14.31
CA ASP B 136 -24.15 -39.29 -14.26
C ASP B 136 -23.33 -38.12 -14.84
N LEU B 137 -22.03 -38.12 -14.54
CA LEU B 137 -21.08 -37.17 -15.12
C LEU B 137 -21.10 -37.26 -16.63
N LYS B 138 -20.84 -38.46 -17.18
CA LYS B 138 -20.76 -38.65 -18.63
CA LYS B 138 -20.76 -38.65 -18.63
C LYS B 138 -22.03 -38.26 -19.37
N SER B 139 -23.18 -38.49 -18.73
CA SER B 139 -24.48 -38.18 -19.35
C SER B 139 -24.67 -36.69 -19.65
N ARG B 140 -23.90 -35.82 -19.01
CA ARG B 140 -23.96 -34.38 -19.27
C ARG B 140 -23.06 -33.99 -20.43
N GLY B 141 -22.42 -34.97 -21.05
CA GLY B 141 -21.46 -34.68 -22.13
C GLY B 141 -20.15 -34.14 -21.59
N LEU B 142 -19.79 -34.56 -20.38
CA LEU B 142 -18.50 -34.19 -19.80
C LEU B 142 -17.43 -35.24 -20.14
N TYR B 143 -16.40 -34.82 -20.87
CA TYR B 143 -15.15 -35.59 -21.04
C TYR B 143 -14.53 -35.79 -19.65
N PHE B 144 -14.05 -37.02 -19.39
CA PHE B 144 -13.70 -37.43 -18.03
C PHE B 144 -12.24 -37.80 -17.93
N ILE B 145 -11.48 -37.00 -17.17
CA ILE B 145 -10.15 -37.39 -16.76
C ILE B 145 -10.27 -38.01 -15.38
N LEU B 146 -9.96 -39.31 -15.27
CA LEU B 146 -9.90 -39.97 -13.96
C LEU B 146 -8.47 -40.01 -13.40
N ASN B 147 -8.32 -39.44 -12.20
CA ASN B 147 -7.08 -39.43 -11.46
C ASN B 147 -7.10 -40.53 -10.39
N MET B 148 -5.99 -41.27 -10.23
CA MET B 148 -5.95 -42.38 -9.25
C MET B 148 -5.73 -41.92 -7.81
N TYR B 149 -5.06 -40.80 -7.64
CA TYR B 149 -4.47 -40.44 -6.35
C TYR B 149 -4.37 -38.92 -6.12
N HIS B 150 -4.97 -38.46 -5.03
CA HIS B 150 -4.94 -37.03 -4.69
C HIS B 150 -4.70 -36.88 -3.17
N TRP B 151 -3.69 -37.62 -2.71
CA TRP B 151 -3.05 -37.44 -1.41
C TRP B 151 -3.39 -38.43 -0.28
N PRO B 152 -4.67 -38.58 0.15
CA PRO B 152 -4.86 -39.58 1.20
C PRO B 152 -4.52 -41.01 0.76
N LEU B 153 -3.87 -41.73 1.67
CA LEU B 153 -3.56 -43.15 1.54
C LEU B 153 -4.40 -43.93 2.54
N PRO B 154 -4.81 -45.17 2.17
CA PRO B 154 -5.50 -46.02 3.13
C PRO B 154 -4.67 -46.12 4.40
N LEU B 155 -5.33 -46.07 5.54
CA LEU B 155 -4.64 -46.11 6.83
C LEU B 155 -3.80 -47.35 6.97
N TRP B 156 -4.25 -48.45 6.35
CA TRP B 156 -3.46 -49.69 6.40
C TRP B 156 -2.11 -49.57 5.68
N LEU B 157 -1.96 -48.58 4.80
CA LEU B 157 -0.67 -48.30 4.16
C LEU B 157 0.12 -47.16 4.81
N HIS B 158 -0.55 -46.33 5.62
CA HIS B 158 0.12 -45.20 6.28
C HIS B 158 -0.53 -44.82 7.59
N ASP B 159 0.16 -45.02 8.71
CA ASP B 159 -0.32 -44.46 9.99
C ASP B 159 0.53 -43.24 10.28
N PRO B 160 -0.01 -42.04 9.97
CA PRO B 160 0.84 -40.83 9.94
C PRO B 160 1.23 -40.34 11.30
N ILE B 161 0.43 -40.65 12.34
CA ILE B 161 0.72 -40.18 13.70
C ILE B 161 1.92 -40.95 14.28
N ARG B 162 1.98 -42.23 13.96
CA ARG B 162 3.11 -43.09 14.34
C ARG B 162 4.40 -42.56 13.74
N VAL B 163 4.39 -42.29 12.44
CA VAL B 163 5.56 -41.72 11.76
C VAL B 163 5.92 -40.31 12.30
N ARG B 164 4.92 -39.46 12.52
CA ARG B 164 5.13 -38.14 13.11
C ARG B 164 5.90 -38.25 14.42
N ARG B 165 5.52 -39.25 15.22
CA ARG B 165 6.17 -39.53 16.52
C ARG B 165 7.56 -40.14 16.37
N GLY B 166 7.97 -40.40 15.13
CA GLY B 166 9.32 -40.91 14.85
C GLY B 166 9.39 -42.42 14.94
N ASP B 167 8.24 -43.09 14.86
CA ASP B 167 8.17 -44.55 14.90
C ASP B 167 7.99 -45.08 13.49
N PHE B 168 8.98 -45.83 13.01
CA PHE B 168 8.97 -46.33 11.63
C PHE B 168 8.68 -47.82 11.49
N THR B 169 8.15 -48.43 12.54
CA THR B 169 7.85 -49.86 12.52
C THR B 169 6.44 -50.17 12.05
N GLY B 170 5.66 -49.15 11.70
CA GLY B 170 4.28 -49.31 11.22
C GLY B 170 4.15 -49.08 9.72
N PRO B 171 2.90 -48.92 9.23
CA PRO B 171 2.70 -48.55 7.82
C PRO B 171 3.28 -47.15 7.56
N SER B 172 4.20 -47.03 6.61
CA SER B 172 4.99 -45.82 6.45
CA SER B 172 5.02 -45.83 6.45
C SER B 172 4.75 -45.07 5.14
N GLY B 173 3.61 -45.34 4.51
CA GLY B 173 3.23 -44.62 3.30
C GLY B 173 4.25 -44.69 2.18
N TRP B 174 4.53 -43.54 1.57
CA TRP B 174 5.46 -43.48 0.44
C TRP B 174 6.91 -43.85 0.79
N LEU B 175 7.19 -44.09 2.06
CA LEU B 175 8.53 -44.51 2.46
C LEU B 175 8.70 -46.03 2.28
N SER B 176 7.63 -46.71 1.90
CA SER B 176 7.63 -48.16 1.76
C SER B 176 7.40 -48.55 0.30
N THR B 177 8.24 -49.46 -0.24
CA THR B 177 7.99 -50.01 -1.59
C THR B 177 6.71 -50.83 -1.65
N ARG B 178 6.19 -51.27 -0.51
CA ARG B 178 4.89 -51.96 -0.47
C ARG B 178 3.75 -51.04 -1.00
N THR B 179 3.79 -49.77 -0.63
CA THR B 179 2.84 -48.76 -1.14
C THR B 179 2.98 -48.61 -2.66
N VAL B 180 4.22 -48.62 -3.13
CA VAL B 180 4.53 -48.55 -4.55
C VAL B 180 3.86 -49.73 -5.26
N TYR B 181 4.12 -50.93 -4.75
CA TYR B 181 3.54 -52.16 -5.28
C TYR B 181 2.01 -52.14 -5.28
N GLU B 182 1.39 -51.80 -4.14
CA GLU B 182 -0.08 -51.79 -4.07
C GLU B 182 -0.69 -50.71 -4.97
N PHE B 183 0.03 -49.59 -5.15
CA PHE B 183 -0.48 -48.50 -5.99
C PHE B 183 -0.53 -48.89 -7.47
N ALA B 184 0.50 -49.58 -7.97
CA ALA B 184 0.44 -50.07 -9.36
C ALA B 184 -0.78 -50.97 -9.53
N ARG B 185 -1.01 -51.81 -8.53
CA ARG B 185 -2.12 -52.75 -8.57
C ARG B 185 -3.50 -52.06 -8.49
N PHE B 186 -3.63 -51.13 -7.56
CA PHE B 186 -4.84 -50.28 -7.45
C PHE B 186 -5.17 -49.62 -8.78
N SER B 187 -4.19 -48.98 -9.41
CA SER B 187 -4.46 -48.20 -10.62
CA SER B 187 -4.42 -48.20 -10.64
C SER B 187 -4.88 -49.08 -11.81
N ALA B 188 -4.25 -50.26 -11.96
CA ALA B 188 -4.67 -51.18 -13.02
C ALA B 188 -6.08 -51.66 -12.74
N TYR B 189 -6.36 -52.02 -11.49
CA TYR B 189 -7.69 -52.44 -11.09
C TYR B 189 -8.77 -51.40 -11.44
N ILE B 190 -8.53 -50.14 -11.10
CA ILE B 190 -9.48 -49.07 -11.37
C ILE B 190 -9.71 -48.89 -12.86
N ALA B 191 -8.63 -48.83 -13.64
CA ALA B 191 -8.73 -48.77 -15.09
C ALA B 191 -9.54 -49.95 -15.65
N TRP B 192 -9.44 -51.09 -14.98
CA TRP B 192 -10.11 -52.34 -15.35
C TRP B 192 -11.59 -52.19 -15.08
N LYS B 193 -11.91 -51.70 -13.89
CA LYS B 193 -13.30 -51.46 -13.52
C LYS B 193 -14.00 -50.30 -14.24
N PHE B 194 -13.24 -49.32 -14.75
CA PHE B 194 -13.88 -48.05 -15.15
C PHE B 194 -13.58 -47.58 -16.56
N ASP B 195 -12.69 -48.29 -17.26
CA ASP B 195 -12.22 -47.90 -18.59
C ASP B 195 -13.31 -47.48 -19.56
N ASP B 196 -14.48 -48.13 -19.45
CA ASP B 196 -15.62 -47.79 -20.31
C ASP B 196 -16.12 -46.36 -20.08
N LEU B 197 -15.88 -45.80 -18.89
CA LEU B 197 -16.40 -44.45 -18.56
C LEU B 197 -15.34 -43.36 -18.72
N VAL B 198 -14.07 -43.76 -18.74
CA VAL B 198 -12.96 -42.83 -18.63
C VAL B 198 -12.45 -42.40 -20.01
N ASP B 199 -12.16 -41.12 -20.18
CA ASP B 199 -11.55 -40.67 -21.45
C ASP B 199 -10.04 -40.63 -21.38
N GLU B 200 -9.49 -40.03 -20.31
CA GLU B 200 -8.04 -40.10 -20.07
C GLU B 200 -7.75 -40.36 -18.61
N TYR B 201 -6.53 -40.82 -18.31
CA TYR B 201 -6.11 -41.14 -16.93
C TYR B 201 -4.98 -40.25 -16.47
N SER B 202 -4.99 -39.98 -15.19
CA SER B 202 -3.83 -39.45 -14.50
C SER B 202 -3.49 -40.42 -13.38
N THR B 203 -2.21 -40.70 -13.19
CA THR B 203 -1.86 -41.53 -12.05
C THR B 203 -2.00 -40.80 -10.71
N MET B 204 -1.50 -39.57 -10.66
CA MET B 204 -1.47 -38.84 -9.39
C MET B 204 -1.52 -37.34 -9.55
N ASN B 205 -1.85 -36.69 -8.45
CA ASN B 205 -1.93 -35.23 -8.39
C ASN B 205 -0.83 -34.74 -7.48
N GLU B 206 0.11 -33.98 -8.04
CA GLU B 206 1.09 -33.23 -7.24
C GLU B 206 1.86 -34.12 -6.25
N PRO B 207 2.53 -35.16 -6.78
CA PRO B 207 3.37 -35.97 -5.88
C PRO B 207 4.48 -35.13 -5.22
N ASN B 208 4.90 -34.04 -5.87
CA ASN B 208 5.92 -33.17 -5.28
C ASN B 208 5.51 -32.53 -3.95
N VAL B 209 4.20 -32.29 -3.81
CA VAL B 209 3.66 -31.62 -2.63
C VAL B 209 3.64 -32.64 -1.51
N VAL B 210 3.21 -33.85 -1.86
CA VAL B 210 3.18 -34.98 -0.92
C VAL B 210 4.53 -35.21 -0.24
N GLY B 211 5.61 -35.20 -1.02
CA GLY B 211 6.93 -35.42 -0.43
C GLY B 211 7.56 -34.16 0.14
N GLY B 212 7.28 -33.00 -0.47
CA GLY B 212 7.86 -31.75 -0.02
C GLY B 212 7.18 -31.25 1.23
N LEU B 213 5.85 -31.29 1.27
CA LEU B 213 5.16 -30.80 2.46
C LEU B 213 5.11 -31.83 3.59
N GLY B 214 5.02 -33.11 3.24
CA GLY B 214 5.00 -34.16 4.24
C GLY B 214 6.27 -34.30 5.07
N TYR B 215 7.43 -34.08 4.47
CA TYR B 215 8.71 -34.32 5.13
C TYR B 215 9.67 -33.14 5.20
N VAL B 216 9.30 -32.00 4.61
CA VAL B 216 10.14 -30.81 4.74
C VAL B 216 9.35 -29.60 5.20
N GLY B 217 8.30 -29.24 4.47
CA GLY B 217 7.52 -28.06 4.83
C GLY B 217 6.54 -28.36 5.94
N VAL B 218 7.06 -28.80 7.10
CA VAL B 218 6.25 -29.39 8.17
C VAL B 218 5.26 -28.45 8.88
N LYS B 219 5.50 -27.15 8.77
CA LYS B 219 4.54 -26.16 9.30
C LYS B 219 3.25 -26.12 8.49
N SER B 220 3.27 -26.72 7.29
CA SER B 220 2.07 -26.90 6.44
CA SER B 220 2.03 -26.80 6.50
C SER B 220 0.99 -27.78 7.07
N GLY B 221 1.36 -28.58 8.07
CA GLY B 221 0.42 -29.53 8.66
C GLY B 221 0.01 -30.62 7.69
N PHE B 222 0.92 -31.04 6.84
CA PHE B 222 0.64 -32.21 5.98
C PHE B 222 1.23 -33.51 6.60
N PRO B 223 0.49 -34.65 6.48
CA PRO B 223 0.97 -35.91 7.06
C PRO B 223 2.19 -36.46 6.28
N PRO B 224 3.13 -37.12 6.98
CA PRO B 224 3.14 -37.40 8.42
C PRO B 224 3.83 -36.30 9.25
N GLY B 225 4.29 -35.22 8.62
CA GLY B 225 4.87 -34.11 9.34
C GLY B 225 6.19 -34.45 10.02
N TYR B 226 6.99 -35.29 9.35
CA TYR B 226 8.28 -35.75 9.91
C TYR B 226 9.39 -35.08 9.14
N LEU B 227 10.11 -34.23 9.84
CA LEU B 227 11.07 -33.37 9.19
C LEU B 227 12.38 -34.14 8.89
N SER B 228 12.66 -34.36 7.59
CA SER B 228 13.81 -35.14 7.15
C SER B 228 14.06 -34.96 5.66
N PHE B 229 15.19 -34.35 5.31
CA PHE B 229 15.61 -34.25 3.91
C PHE B 229 15.67 -35.66 3.32
N GLU B 230 16.22 -36.61 4.06
CA GLU B 230 16.47 -37.98 3.55
C GLU B 230 15.19 -38.74 3.24
N LEU B 231 14.27 -38.73 4.20
CA LEU B 231 12.99 -39.39 4.01
C LEU B 231 12.16 -38.73 2.89
N SER B 232 12.31 -37.42 2.75
CA SER B 232 11.68 -36.70 1.64
C SER B 232 12.16 -37.22 0.30
N ARG B 233 13.48 -37.33 0.16
CA ARG B 233 14.09 -37.93 -1.05
C ARG B 233 13.59 -39.35 -1.27
N ARG B 234 13.51 -40.14 -0.20
CA ARG B 234 13.03 -41.51 -0.28
CA ARG B 234 13.03 -41.51 -0.32
C ARG B 234 11.59 -41.55 -0.82
N ALA B 235 10.72 -40.70 -0.24
CA ALA B 235 9.30 -40.65 -0.67
C ALA B 235 9.23 -40.30 -2.12
N MET B 236 10.02 -39.34 -2.56
CA MET B 236 9.92 -38.92 -3.96
C MET B 236 10.38 -40.03 -4.91
N TYR B 237 11.43 -40.75 -4.53
CA TYR B 237 11.95 -41.86 -5.35
C TYR B 237 10.89 -42.95 -5.50
N ASN B 238 10.29 -43.32 -4.38
CA ASN B 238 9.17 -44.26 -4.40
C ASN B 238 7.97 -43.79 -5.21
N ILE B 239 7.61 -42.51 -5.09
CA ILE B 239 6.43 -42.04 -5.82
CA ILE B 239 6.46 -41.98 -5.83
C ILE B 239 6.69 -42.00 -7.33
N ILE B 240 7.93 -41.70 -7.73
CA ILE B 240 8.30 -41.73 -9.15
C ILE B 240 8.09 -43.16 -9.70
N GLN B 241 8.65 -44.14 -8.99
CA GLN B 241 8.49 -45.57 -9.33
C GLN B 241 7.03 -45.96 -9.38
N ALA B 242 6.27 -45.51 -8.37
CA ALA B 242 4.85 -45.78 -8.27
C ALA B 242 4.14 -45.21 -9.49
N HIS B 243 4.57 -44.05 -9.96
CA HIS B 243 3.99 -43.54 -11.18
C HIS B 243 4.28 -44.49 -12.37
N ALA B 244 5.54 -44.88 -12.55
CA ALA B 244 5.91 -45.73 -13.71
C ALA B 244 5.16 -47.07 -13.69
N ARG B 245 5.12 -47.70 -12.53
CA ARG B 245 4.42 -48.97 -12.36
C ARG B 245 2.90 -48.83 -12.53
N ALA B 246 2.35 -47.66 -12.17
CA ALA B 246 0.93 -47.42 -12.37
C ALA B 246 0.63 -47.21 -13.84
N TYR B 247 1.50 -46.48 -14.53
CA TYR B 247 1.38 -46.30 -15.98
C TYR B 247 1.31 -47.68 -16.67
N ASP B 248 2.34 -48.49 -16.48
CA ASP B 248 2.37 -49.88 -17.02
C ASP B 248 1.14 -50.69 -16.64
N GLY B 249 0.72 -50.61 -15.38
CA GLY B 249 -0.45 -51.33 -14.91
C GLY B 249 -1.71 -50.95 -15.67
N ILE B 250 -1.92 -49.65 -15.86
CA ILE B 250 -3.12 -49.17 -16.58
C ILE B 250 -3.05 -49.56 -18.05
N LYS B 251 -1.86 -49.43 -18.65
CA LYS B 251 -1.69 -49.71 -20.08
C LYS B 251 -1.87 -51.21 -20.38
N SER B 252 -1.75 -52.06 -19.37
CA SER B 252 -1.99 -53.48 -19.55
C SER B 252 -3.50 -53.77 -19.68
N VAL B 253 -4.34 -52.77 -19.35
CA VAL B 253 -5.79 -52.95 -19.35
CA VAL B 253 -5.79 -52.97 -19.39
C VAL B 253 -6.50 -51.95 -20.26
N SER B 254 -5.81 -50.87 -20.60
CA SER B 254 -6.42 -49.78 -21.36
C SER B 254 -5.48 -49.29 -22.44
N LYS B 255 -6.05 -48.85 -23.57
CA LYS B 255 -5.30 -48.13 -24.62
C LYS B 255 -5.35 -46.59 -24.47
N LYS B 256 -6.08 -46.10 -23.47
CA LYS B 256 -6.32 -44.66 -23.32
C LYS B 256 -5.12 -43.90 -22.76
N PRO B 257 -5.05 -42.57 -22.99
CA PRO B 257 -3.84 -41.83 -22.55
C PRO B 257 -3.69 -41.80 -21.03
N VAL B 258 -2.45 -41.87 -20.55
CA VAL B 258 -2.13 -41.88 -19.13
C VAL B 258 -1.08 -40.81 -18.89
N GLY B 259 -1.41 -39.87 -18.01
CA GLY B 259 -0.46 -38.81 -17.69
C GLY B 259 -0.32 -38.63 -16.20
N ILE B 260 0.12 -37.44 -15.81
CA ILE B 260 0.30 -37.12 -14.42
C ILE B 260 0.00 -35.63 -14.19
N ILE B 261 -0.32 -35.26 -12.96
CA ILE B 261 -0.64 -33.88 -12.61
C ILE B 261 0.37 -33.40 -11.56
N TYR B 262 0.93 -32.21 -11.79
CA TYR B 262 2.08 -31.74 -11.03
C TYR B 262 1.91 -30.29 -10.64
N ALA B 263 2.42 -29.93 -9.46
CA ALA B 263 2.34 -28.57 -8.90
C ALA B 263 3.41 -27.69 -9.52
N ASN B 264 3.02 -26.55 -10.07
CA ASN B 264 3.98 -25.65 -10.70
C ASN B 264 3.92 -24.23 -10.16
N SER B 265 5.08 -23.60 -10.00
CA SER B 265 5.14 -22.17 -9.89
CA SER B 265 5.20 -22.16 -9.85
C SER B 265 5.96 -21.66 -11.08
N SER B 266 5.75 -20.42 -11.46
CA SER B 266 6.59 -19.85 -12.51
C SER B 266 7.74 -19.15 -11.80
N PHE B 267 8.96 -19.67 -12.01
CA PHE B 267 10.11 -19.14 -11.31
C PHE B 267 10.56 -17.92 -12.09
N GLN B 268 10.77 -16.82 -11.35
CA GLN B 268 11.02 -15.51 -11.92
C GLN B 268 12.21 -14.86 -11.25
N PRO B 269 13.05 -14.14 -12.02
CA PRO B 269 14.25 -13.55 -11.43
C PRO B 269 13.93 -12.26 -10.66
N LEU B 270 14.53 -12.10 -9.48
CA LEU B 270 14.41 -10.84 -8.76
C LEU B 270 14.97 -9.68 -9.59
N THR B 271 16.21 -9.84 -10.08
CA THR B 271 16.86 -8.86 -10.97
C THR B 271 17.35 -9.56 -12.24
N ASP B 272 17.85 -8.77 -13.20
CA ASP B 272 18.39 -9.35 -14.43
C ASP B 272 19.69 -10.15 -14.25
N LYS B 273 20.23 -10.15 -13.04
CA LYS B 273 21.37 -11.02 -12.77
C LYS B 273 20.96 -12.37 -12.13
N ASP B 274 19.65 -12.70 -12.18
CA ASP B 274 19.16 -13.90 -11.51
C ASP B 274 18.58 -14.94 -12.45
N MET B 275 18.87 -14.83 -13.74
CA MET B 275 18.35 -15.80 -14.72
C MET B 275 18.84 -17.25 -14.49
N GLU B 276 20.09 -17.41 -14.07
CA GLU B 276 20.62 -18.75 -13.76
C GLU B 276 19.89 -19.35 -12.56
N ALA B 277 19.56 -18.50 -11.58
CA ALA B 277 18.79 -18.93 -10.42
C ALA B 277 17.42 -19.51 -10.83
N VAL B 278 16.77 -18.88 -11.81
CA VAL B 278 15.51 -19.39 -12.38
C VAL B 278 15.71 -20.81 -12.94
N GLU B 279 16.69 -20.95 -13.83
CA GLU B 279 17.07 -22.27 -14.38
C GLU B 279 17.33 -23.31 -13.31
N MET B 280 18.13 -22.97 -12.31
CA MET B 280 18.40 -23.89 -11.21
C MET B 280 17.12 -24.29 -10.44
N ALA B 281 16.23 -23.31 -10.19
CA ALA B 281 14.95 -23.60 -9.52
C ALA B 281 14.10 -24.56 -10.36
N GLU B 282 14.08 -24.32 -11.68
CA GLU B 282 13.33 -25.15 -12.61
C GLU B 282 13.86 -26.58 -12.65
N ASN B 283 15.18 -26.74 -12.65
CA ASN B 283 15.79 -28.06 -12.54
C ASN B 283 15.37 -28.75 -11.25
N ASP B 284 15.55 -28.09 -10.11
CA ASP B 284 15.30 -28.67 -8.79
C ASP B 284 13.82 -28.92 -8.46
N ASN B 285 12.90 -28.22 -9.13
CA ASN B 285 11.48 -28.30 -8.78
C ASN B 285 10.60 -28.97 -9.82
N ARG B 286 11.10 -29.07 -11.05
CA ARG B 286 10.28 -29.50 -12.20
C ARG B 286 11.00 -30.55 -13.08
N TRP B 287 12.11 -30.13 -13.70
CA TRP B 287 12.79 -30.95 -14.70
C TRP B 287 13.33 -32.26 -14.16
N TRP B 288 13.86 -32.25 -12.94
CA TRP B 288 14.40 -33.49 -12.36
C TRP B 288 13.32 -34.57 -12.34
N PHE B 289 12.08 -34.17 -12.04
CA PHE B 289 11.00 -35.14 -11.90
C PHE B 289 10.51 -35.64 -13.27
N PHE B 290 10.30 -34.71 -14.20
CA PHE B 290 9.81 -35.09 -15.51
C PHE B 290 10.90 -35.75 -16.39
N ASP B 291 12.15 -35.35 -16.22
CA ASP B 291 13.27 -36.09 -16.86
C ASP B 291 13.29 -37.54 -16.42
N ALA B 292 12.93 -37.81 -15.17
CA ALA B 292 12.87 -39.20 -14.70
C ALA B 292 11.80 -40.05 -15.38
N ILE B 293 10.57 -39.54 -15.49
CA ILE B 293 9.47 -40.36 -15.94
C ILE B 293 9.24 -40.27 -17.44
N ILE B 294 9.95 -39.35 -18.10
CA ILE B 294 9.88 -39.22 -19.56
C ILE B 294 11.15 -39.80 -20.22
N ARG B 295 12.30 -39.39 -19.69
CA ARG B 295 13.61 -39.73 -20.25
C ARG B 295 14.32 -40.85 -19.46
N GLY B 296 13.69 -41.31 -18.37
CA GLY B 296 14.28 -42.33 -17.50
C GLY B 296 15.49 -41.87 -16.70
N GLU B 297 15.91 -40.62 -16.88
CA GLU B 297 17.10 -40.06 -16.24
C GLU B 297 16.87 -39.83 -14.75
N ILE B 298 17.63 -40.54 -13.92
CA ILE B 298 17.52 -40.39 -12.47
C ILE B 298 18.86 -40.43 -11.75
N THR B 299 18.84 -40.01 -10.49
CA THR B 299 19.93 -40.16 -9.53
C THR B 299 19.44 -41.07 -8.39
N ARG B 300 20.15 -42.18 -8.20
CA ARG B 300 19.82 -43.17 -7.16
C ARG B 300 20.84 -43.02 -6.02
N GLY B 301 21.98 -43.71 -6.14
CA GLY B 301 23.28 -43.11 -5.77
C GLY B 301 23.33 -42.25 -7.03
N ASN B 302 23.70 -40.97 -6.97
CA ASN B 302 24.91 -40.35 -6.46
C ASN B 302 25.65 -40.31 -7.79
N GLU B 303 25.12 -41.09 -8.73
CA GLU B 303 25.41 -41.04 -10.16
C GLU B 303 24.12 -40.86 -10.99
N LYS B 304 24.28 -40.30 -12.19
CA LYS B 304 23.19 -40.12 -13.16
C LYS B 304 23.04 -41.33 -14.07
N ILE B 305 21.92 -42.04 -13.89
CA ILE B 305 21.62 -43.21 -14.71
C ILE B 305 20.35 -43.01 -15.56
N VAL B 306 20.11 -43.92 -16.50
CA VAL B 306 18.86 -44.01 -17.23
C VAL B 306 18.22 -45.35 -16.88
N ARG B 307 17.04 -45.32 -16.28
CA ARG B 307 16.29 -46.53 -15.97
C ARG B 307 15.27 -46.75 -17.07
N ASP B 308 15.39 -47.90 -17.74
CA ASP B 308 14.54 -48.19 -18.89
C ASP B 308 13.11 -48.52 -18.50
N ASP B 309 12.91 -48.89 -17.25
CA ASP B 309 11.56 -49.17 -16.74
C ASP B 309 10.81 -47.87 -16.35
N LEU B 310 11.54 -46.74 -16.36
CA LEU B 310 11.00 -45.42 -16.05
C LEU B 310 10.78 -44.60 -17.30
N LYS B 311 11.65 -44.80 -18.30
CA LYS B 311 11.65 -44.05 -19.54
C LYS B 311 10.33 -44.13 -20.29
N GLY B 312 9.86 -43.01 -20.83
CA GLY B 312 8.65 -42.98 -21.67
C GLY B 312 7.31 -43.33 -21.00
N ARG B 313 7.26 -43.26 -19.68
CA ARG B 313 6.02 -43.53 -18.96
C ARG B 313 5.11 -42.29 -18.77
N LEU B 314 4.79 -41.62 -19.87
CA LEU B 314 3.92 -40.43 -19.85
C LEU B 314 3.38 -40.06 -21.22
N ASP B 315 2.05 -39.90 -21.32
CA ASP B 315 1.42 -39.48 -22.56
C ASP B 315 1.05 -37.98 -22.59
N TRP B 316 0.80 -37.40 -21.41
CA TRP B 316 0.41 -35.98 -21.33
C TRP B 316 0.75 -35.36 -19.96
N ILE B 317 0.86 -34.03 -19.91
CA ILE B 317 1.27 -33.32 -18.69
C ILE B 317 0.11 -32.49 -18.12
N GLY B 318 -0.25 -32.77 -16.86
CA GLY B 318 -1.27 -32.01 -16.14
C GLY B 318 -0.63 -30.84 -15.45
N VAL B 319 -0.95 -29.63 -15.90
CA VAL B 319 -0.32 -28.43 -15.36
C VAL B 319 -1.23 -27.79 -14.33
N ASN B 320 -0.82 -27.85 -13.06
CA ASN B 320 -1.48 -27.11 -12.00
C ASN B 320 -0.72 -25.81 -11.84
N TYR B 321 -1.43 -24.69 -11.78
CA TYR B 321 -0.74 -23.39 -11.69
C TYR B 321 -1.55 -22.33 -10.94
N TYR B 322 -0.93 -21.72 -9.93
CA TYR B 322 -1.56 -20.67 -9.15
C TYR B 322 -0.83 -19.34 -9.14
N THR B 323 0.50 -19.37 -9.04
CA THR B 323 1.26 -18.13 -8.82
C THR B 323 2.75 -18.34 -9.09
N ARG B 324 3.55 -17.29 -8.95
CA ARG B 324 4.97 -17.38 -9.24
C ARG B 324 5.79 -17.67 -7.99
N THR B 325 7.10 -17.78 -8.18
CA THR B 325 8.03 -17.80 -7.08
C THR B 325 9.18 -16.98 -7.57
N VAL B 326 9.54 -15.95 -6.81
CA VAL B 326 10.66 -15.11 -7.21
C VAL B 326 11.93 -15.66 -6.56
N VAL B 327 12.98 -15.83 -7.36
CA VAL B 327 14.25 -16.38 -6.86
C VAL B 327 15.42 -15.45 -7.12
N LYS B 328 16.43 -15.52 -6.26
CA LYS B 328 17.67 -14.79 -6.51
C LYS B 328 18.93 -15.67 -6.38
N ARG B 329 19.92 -15.37 -7.23
CA ARG B 329 21.22 -16.04 -7.20
C ARG B 329 21.88 -15.83 -5.85
N THR B 330 22.34 -16.92 -5.26
CA THR B 330 23.05 -16.90 -3.98
C THR B 330 24.50 -17.39 -4.13
N GLU B 331 25.31 -17.26 -3.06
CA GLU B 331 26.68 -17.77 -3.09
C GLU B 331 26.68 -19.30 -3.26
N LYS B 332 25.85 -19.99 -2.48
CA LYS B 332 25.79 -21.44 -2.52
C LYS B 332 24.73 -21.99 -3.47
N GLY B 333 24.11 -21.11 -4.26
CA GLY B 333 23.05 -21.51 -5.20
C GLY B 333 22.01 -20.42 -5.49
N TYR B 334 20.83 -20.58 -4.89
CA TYR B 334 19.72 -19.62 -5.06
C TYR B 334 18.74 -19.71 -3.87
N VAL B 335 18.00 -18.63 -3.66
CA VAL B 335 16.91 -18.63 -2.68
C VAL B 335 15.62 -18.04 -3.28
N SER B 336 14.49 -18.55 -2.79
CA SER B 336 13.17 -17.99 -3.09
CA SER B 336 13.17 -18.01 -3.09
C SER B 336 12.87 -16.87 -2.11
N LEU B 337 12.16 -15.85 -2.57
CA LEU B 337 11.89 -14.66 -1.76
C LEU B 337 10.48 -14.58 -1.17
N GLY B 338 10.39 -14.33 0.14
CA GLY B 338 9.12 -14.01 0.77
C GLY B 338 8.63 -12.68 0.22
N GLY B 339 7.33 -12.40 0.34
CA GLY B 339 6.79 -11.14 -0.17
C GLY B 339 6.34 -11.21 -1.62
N TYR B 340 6.52 -12.38 -2.25
CA TYR B 340 6.02 -12.64 -3.59
C TYR B 340 5.44 -14.03 -3.65
N GLY B 341 4.72 -14.32 -4.74
CA GLY B 341 4.25 -15.67 -5.05
C GLY B 341 3.35 -16.18 -3.96
N HIS B 342 3.66 -17.36 -3.43
CA HIS B 342 2.80 -17.92 -2.39
C HIS B 342 3.24 -17.50 -0.99
N GLY B 343 4.28 -16.68 -0.90
CA GLY B 343 4.80 -16.25 0.41
C GLY B 343 4.43 -14.82 0.81
N CYS B 344 3.17 -14.46 0.61
CA CYS B 344 2.67 -13.09 0.87
C CYS B 344 1.65 -13.05 2.02
N GLU B 345 1.36 -11.86 2.51
CA GLU B 345 0.29 -11.69 3.47
C GLU B 345 -1.03 -11.87 2.75
N ARG B 346 -1.99 -12.43 3.47
CA ARG B 346 -3.35 -12.62 3.00
C ARG B 346 -4.03 -11.28 2.76
N ASN B 347 -4.83 -11.19 1.70
CA ASN B 347 -5.65 -10.00 1.44
C ASN B 347 -4.81 -8.76 1.58
N SER B 348 -3.77 -8.71 0.78
CA SER B 348 -2.86 -7.61 0.85
C SER B 348 -2.31 -7.38 -0.57
N VAL B 349 -1.11 -6.84 -0.66
CA VAL B 349 -0.40 -6.76 -1.93
C VAL B 349 1.02 -7.35 -1.75
N SER B 350 1.60 -7.82 -2.83
CA SER B 350 2.95 -8.35 -2.81
C SER B 350 3.97 -7.21 -2.78
N LEU B 351 5.25 -7.55 -2.62
CA LEU B 351 6.32 -6.54 -2.73
C LEU B 351 6.39 -5.89 -4.10
N ALA B 352 5.77 -6.52 -5.10
CA ALA B 352 5.65 -5.94 -6.45
C ALA B 352 4.37 -5.08 -6.62
N GLY B 353 3.56 -4.97 -5.57
CA GLY B 353 2.30 -4.20 -5.64
C GLY B 353 1.16 -4.97 -6.29
N LEU B 354 1.28 -6.29 -6.37
CA LEU B 354 0.24 -7.11 -7.03
C LEU B 354 -0.64 -7.69 -5.94
N PRO B 355 -1.96 -7.75 -6.18
CA PRO B 355 -2.87 -8.16 -5.08
C PRO B 355 -2.74 -9.63 -4.75
N THR B 356 -2.97 -9.98 -3.47
CA THR B 356 -2.84 -11.35 -2.97
C THR B 356 -4.22 -11.91 -2.56
N SER B 357 -4.38 -13.24 -2.58
CA SER B 357 -5.67 -13.89 -2.34
C SER B 357 -5.98 -14.02 -0.84
N ASP B 358 -7.12 -14.64 -0.53
CA ASP B 358 -7.42 -14.99 0.86
C ASP B 358 -6.32 -15.89 1.43
N PHE B 359 -5.53 -16.53 0.58
CA PHE B 359 -4.49 -17.49 1.00
C PHE B 359 -3.10 -16.79 1.02
N GLY B 360 -3.02 -15.53 0.59
CA GLY B 360 -1.75 -14.83 0.53
C GLY B 360 -0.97 -15.13 -0.74
N TRP B 361 -1.67 -15.56 -1.80
CA TRP B 361 -0.99 -15.83 -3.06
C TRP B 361 -1.10 -14.71 -4.08
N GLU B 362 0.02 -14.42 -4.74
CA GLU B 362 0.14 -13.25 -5.62
C GLU B 362 -0.48 -13.46 -7.00
N PHE B 363 -1.17 -12.42 -7.48
CA PHE B 363 -1.80 -12.47 -8.79
C PHE B 363 -0.69 -12.37 -9.87
N PHE B 364 -0.55 -13.40 -10.72
CA PHE B 364 0.54 -13.39 -11.73
C PHE B 364 0.22 -14.32 -12.87
N PRO B 365 -0.70 -13.92 -13.74
CA PRO B 365 -1.15 -14.83 -14.77
C PRO B 365 -0.10 -15.15 -15.82
N GLU B 366 0.82 -14.21 -16.10
CA GLU B 366 1.91 -14.46 -17.08
C GLU B 366 2.63 -15.76 -16.77
N GLY B 367 2.74 -16.09 -15.47
CA GLY B 367 3.40 -17.32 -15.04
C GLY B 367 2.90 -18.57 -15.75
N LEU B 368 1.61 -18.57 -16.09
CA LEU B 368 0.99 -19.72 -16.72
C LEU B 368 1.47 -19.92 -18.16
N TYR B 369 1.63 -18.83 -18.91
CA TYR B 369 2.27 -18.85 -20.23
C TYR B 369 3.67 -19.41 -20.14
N ASP B 370 4.43 -18.94 -19.14
CA ASP B 370 5.80 -19.37 -18.91
C ASP B 370 5.80 -20.90 -18.71
N VAL B 371 4.99 -21.39 -17.77
CA VAL B 371 5.04 -22.79 -17.44
C VAL B 371 4.62 -23.68 -18.62
N LEU B 372 3.50 -23.33 -19.25
CA LEU B 372 3.01 -24.12 -20.37
C LEU B 372 4.06 -24.19 -21.51
N THR B 373 4.61 -23.05 -21.90
CA THR B 373 5.52 -23.02 -23.05
C THR B 373 6.87 -23.64 -22.71
N LYS B 374 7.25 -23.59 -21.43
CA LYS B 374 8.44 -24.31 -20.97
C LYS B 374 8.28 -25.82 -21.10
N TYR B 375 7.17 -26.36 -20.60
CA TYR B 375 6.90 -27.78 -20.72
C TYR B 375 6.89 -28.19 -22.19
N TRP B 376 6.24 -27.40 -23.04
CA TRP B 376 6.12 -27.75 -24.44
C TRP B 376 7.47 -27.79 -25.18
N ASN B 377 8.27 -26.74 -25.02
CA ASN B 377 9.58 -26.67 -25.62
C ASN B 377 10.51 -27.79 -25.14
N ARG B 378 10.34 -28.27 -23.92
CA ARG B 378 11.21 -29.34 -23.42
C ARG B 378 10.78 -30.74 -23.88
N TYR B 379 9.50 -31.07 -23.74
CA TYR B 379 9.03 -32.43 -23.97
C TYR B 379 8.10 -32.66 -25.14
N HIS B 380 7.48 -31.61 -25.67
CA HIS B 380 6.51 -31.76 -26.76
C HIS B 380 5.43 -32.79 -26.50
N LEU B 381 5.01 -32.84 -25.23
CA LEU B 381 3.84 -33.61 -24.83
C LEU B 381 2.63 -32.67 -24.65
N TYR B 382 1.45 -33.08 -25.06
CA TYR B 382 0.29 -32.23 -24.86
C TYR B 382 -0.04 -32.05 -23.37
N MET B 383 -0.77 -30.97 -23.08
CA MET B 383 -1.08 -30.59 -21.72
C MET B 383 -2.54 -30.25 -21.52
N TYR B 384 -3.00 -30.43 -20.28
CA TYR B 384 -4.22 -29.80 -19.78
C TYR B 384 -3.77 -28.90 -18.64
N VAL B 385 -4.43 -27.75 -18.51
CA VAL B 385 -4.27 -26.99 -17.30
C VAL B 385 -5.27 -27.67 -16.35
N THR B 386 -4.75 -28.47 -15.42
CA THR B 386 -5.59 -29.31 -14.60
C THR B 386 -6.01 -28.58 -13.30
N GLU B 387 -5.34 -27.48 -12.97
CA GLU B 387 -5.76 -26.61 -11.83
C GLU B 387 -5.31 -25.17 -12.02
N ASN B 388 -6.22 -24.27 -11.68
CA ASN B 388 -5.97 -22.84 -11.62
C ASN B 388 -7.17 -22.18 -10.94
N GLY B 389 -6.93 -21.42 -9.89
CA GLY B 389 -8.04 -20.81 -9.15
C GLY B 389 -7.47 -19.95 -8.06
N ILE B 390 -8.35 -19.47 -7.18
CA ILE B 390 -7.97 -18.52 -6.16
C ILE B 390 -8.85 -18.68 -4.90
N ALA B 391 -8.25 -18.56 -3.73
CA ALA B 391 -9.04 -18.51 -2.51
C ALA B 391 -9.63 -17.09 -2.43
N ASP B 392 -10.95 -16.99 -2.59
CA ASP B 392 -11.63 -15.70 -2.73
C ASP B 392 -13.13 -15.86 -2.42
N ASP B 393 -13.49 -15.89 -1.14
CA ASP B 393 -14.90 -16.07 -0.73
C ASP B 393 -15.78 -14.94 -1.27
N ALA B 394 -15.28 -13.71 -1.20
CA ALA B 394 -16.00 -12.49 -1.59
C ALA B 394 -16.21 -12.34 -3.10
N ASP B 395 -15.37 -13.03 -3.88
CA ASP B 395 -15.37 -13.01 -5.36
C ASP B 395 -14.85 -11.68 -5.96
N TYR B 396 -14.07 -10.93 -5.19
CA TYR B 396 -13.49 -9.67 -5.65
C TYR B 396 -12.50 -9.90 -6.81
N GLN B 397 -11.60 -10.84 -6.64
CA GLN B 397 -10.50 -11.01 -7.63
C GLN B 397 -10.77 -12.09 -8.66
N ARG B 398 -11.54 -13.12 -8.30
CA ARG B 398 -11.74 -14.28 -9.20
C ARG B 398 -12.12 -13.95 -10.67
N PRO B 399 -13.06 -12.99 -10.89
CA PRO B 399 -13.41 -12.70 -12.29
C PRO B 399 -12.17 -12.31 -13.12
N TYR B 400 -11.29 -11.46 -12.56
CA TYR B 400 -10.04 -11.03 -13.21
C TYR B 400 -9.07 -12.23 -13.30
N TYR B 401 -9.05 -13.02 -12.24
CA TYR B 401 -8.16 -14.15 -12.14
C TYR B 401 -8.51 -15.16 -13.24
N LEU B 402 -9.80 -15.46 -13.33
CA LEU B 402 -10.29 -16.41 -14.29
C LEU B 402 -9.97 -15.98 -15.72
N VAL B 403 -10.46 -14.81 -16.12
CA VAL B 403 -10.26 -14.35 -17.49
C VAL B 403 -8.77 -14.22 -17.88
N SER B 404 -7.96 -13.69 -16.98
CA SER B 404 -6.53 -13.44 -17.22
C SER B 404 -5.77 -14.74 -17.46
N HIS B 405 -6.06 -15.77 -16.67
CA HIS B 405 -5.33 -17.02 -16.86
C HIS B 405 -5.79 -17.78 -18.08
N VAL B 406 -7.09 -17.68 -18.36
CA VAL B 406 -7.64 -18.31 -19.56
C VAL B 406 -6.96 -17.65 -20.78
N TYR B 407 -6.80 -16.33 -20.74
CA TYR B 407 -6.14 -15.59 -21.82
C TYR B 407 -4.70 -16.11 -22.03
N GLN B 408 -3.99 -16.34 -20.93
CA GLN B 408 -2.62 -16.85 -21.00
C GLN B 408 -2.54 -18.25 -21.65
N VAL B 409 -3.60 -19.06 -21.48
CA VAL B 409 -3.65 -20.38 -22.13
C VAL B 409 -3.82 -20.19 -23.64
N HIS B 410 -4.70 -19.27 -24.02
CA HIS B 410 -4.87 -18.88 -25.41
C HIS B 410 -3.52 -18.43 -25.99
N ARG B 411 -2.81 -17.58 -25.25
CA ARG B 411 -1.48 -17.12 -25.59
C ARG B 411 -0.53 -18.28 -25.87
N ALA B 412 -0.55 -19.28 -24.97
CA ALA B 412 0.31 -20.44 -25.12
C ALA B 412 -0.02 -21.22 -26.40
N ILE B 413 -1.31 -21.44 -26.64
CA ILE B 413 -1.75 -22.17 -27.83
C ILE B 413 -1.30 -21.41 -29.09
N ASN B 414 -1.39 -20.08 -29.05
CA ASN B 414 -1.04 -19.24 -30.18
C ASN B 414 0.47 -19.35 -30.49
N SER B 415 1.26 -19.66 -29.46
CA SER B 415 2.70 -19.77 -29.56
CA SER B 415 2.69 -19.76 -29.61
C SER B 415 3.12 -21.15 -30.04
N GLY B 416 2.17 -22.07 -30.15
CA GLY B 416 2.42 -23.44 -30.60
C GLY B 416 2.23 -24.58 -29.64
N ALA B 417 2.11 -24.30 -28.34
CA ALA B 417 1.96 -25.35 -27.32
C ALA B 417 0.63 -26.08 -27.46
N ASP B 418 0.64 -27.41 -27.35
CA ASP B 418 -0.57 -28.23 -27.48
C ASP B 418 -1.26 -28.30 -26.12
N VAL B 419 -2.22 -27.39 -25.87
CA VAL B 419 -3.00 -27.40 -24.63
C VAL B 419 -4.46 -27.62 -24.97
N ARG B 420 -5.07 -28.62 -24.34
CA ARG B 420 -6.35 -29.12 -24.81
C ARG B 420 -7.49 -28.87 -23.85
N GLY B 421 -7.19 -28.25 -22.72
CA GLY B 421 -8.26 -27.94 -21.77
C GLY B 421 -7.81 -27.03 -20.66
N TYR B 422 -8.79 -26.43 -19.97
CA TYR B 422 -8.57 -25.55 -18.84
C TYR B 422 -9.58 -26.02 -17.81
N LEU B 423 -9.08 -26.45 -16.66
CA LEU B 423 -9.95 -26.98 -15.61
C LEU B 423 -9.73 -26.10 -14.38
N HIS B 424 -10.74 -25.31 -14.05
CA HIS B 424 -10.65 -24.42 -12.92
C HIS B 424 -10.63 -25.23 -11.61
N TRP B 425 -9.83 -24.81 -10.62
CA TRP B 425 -9.97 -25.28 -9.24
C TRP B 425 -10.76 -24.21 -8.45
N SER B 426 -12.03 -24.44 -8.14
CA SER B 426 -12.76 -25.68 -8.39
C SER B 426 -14.19 -25.27 -8.69
N LEU B 427 -15.06 -26.26 -8.96
CA LEU B 427 -16.48 -25.93 -9.18
C LEU B 427 -17.09 -25.32 -7.92
N ALA B 428 -16.85 -25.94 -6.76
CA ALA B 428 -17.43 -25.45 -5.52
C ALA B 428 -16.39 -25.41 -4.43
N ASP B 429 -16.64 -24.64 -3.39
CA ASP B 429 -15.74 -24.61 -2.24
C ASP B 429 -15.56 -26.02 -1.70
N ASN B 430 -14.47 -26.25 -1.00
CA ASN B 430 -14.23 -27.58 -0.45
C ASN B 430 -13.24 -27.48 0.69
N TYR B 431 -12.88 -28.63 1.27
CA TYR B 431 -12.06 -28.71 2.45
C TYR B 431 -10.60 -28.51 2.04
N GLU B 432 -10.02 -27.39 2.46
CA GLU B 432 -8.66 -27.04 2.04
C GLU B 432 -7.63 -27.61 2.99
N TRP B 433 -7.61 -28.93 3.10
CA TRP B 433 -6.53 -29.65 3.81
C TRP B 433 -6.36 -29.13 5.22
N ALA B 434 -5.12 -28.82 5.62
CA ALA B 434 -4.83 -28.32 6.96
C ALA B 434 -5.46 -26.94 7.32
N SER B 435 -5.79 -26.16 6.29
CA SER B 435 -6.47 -24.86 6.43
C SER B 435 -7.98 -24.99 6.64
N GLY B 436 -8.55 -26.15 6.38
CA GLY B 436 -10.00 -26.37 6.60
C GLY B 436 -10.89 -25.65 5.60
N PHE B 437 -12.07 -25.27 6.05
CA PHE B 437 -13.05 -24.70 5.12
C PHE B 437 -12.92 -23.22 4.75
N SER B 438 -12.14 -22.45 5.52
CA SER B 438 -12.05 -20.99 5.31
C SER B 438 -11.46 -20.55 3.96
N MET B 439 -10.67 -21.40 3.32
CA MET B 439 -10.10 -21.07 2.01
C MET B 439 -11.05 -21.54 0.93
N ARG B 440 -11.73 -20.59 0.29
CA ARG B 440 -12.85 -20.89 -0.58
C ARG B 440 -12.50 -20.66 -2.04
N PHE B 441 -12.34 -21.76 -2.80
CA PHE B 441 -11.82 -21.69 -4.17
C PHE B 441 -12.93 -21.86 -5.21
N GLY B 442 -14.18 -21.95 -4.79
CA GLY B 442 -15.21 -22.36 -5.72
C GLY B 442 -15.67 -21.26 -6.65
N LEU B 443 -16.02 -21.64 -7.88
CA LEU B 443 -16.89 -20.79 -8.69
C LEU B 443 -18.26 -20.73 -8.01
N LEU B 444 -18.60 -21.78 -7.25
CA LEU B 444 -19.87 -21.86 -6.53
C LEU B 444 -19.55 -21.79 -5.06
N LYS B 445 -20.23 -20.90 -4.33
CA LYS B 445 -20.18 -20.83 -2.89
C LYS B 445 -20.98 -21.95 -2.24
N VAL B 446 -20.40 -22.61 -1.24
CA VAL B 446 -21.08 -23.64 -0.46
C VAL B 446 -21.48 -23.10 0.90
N ASP B 447 -22.75 -23.20 1.24
CA ASP B 447 -23.17 -22.95 2.60
C ASP B 447 -23.02 -24.33 3.24
N TYR B 448 -22.06 -24.49 4.15
CA TYR B 448 -21.79 -25.81 4.71
C TYR B 448 -22.87 -26.30 5.69
N ASN B 449 -23.71 -25.39 6.19
CA ASN B 449 -24.86 -25.78 7.01
C ASN B 449 -25.90 -26.57 6.23
N THR B 450 -26.18 -26.18 4.99
CA THR B 450 -27.27 -26.76 4.21
C THR B 450 -26.77 -27.54 2.99
N LYS B 451 -25.47 -27.41 2.67
CA LYS B 451 -24.86 -27.98 1.45
C LYS B 451 -25.37 -27.33 0.16
N ARG B 452 -26.09 -26.21 0.32
CA ARG B 452 -26.58 -25.42 -0.83
C ARG B 452 -25.45 -24.77 -1.62
N LEU B 453 -25.56 -24.79 -2.94
CA LEU B 453 -24.56 -24.14 -3.79
C LEU B 453 -25.10 -22.82 -4.35
N TYR B 454 -24.26 -21.78 -4.33
CA TYR B 454 -24.60 -20.45 -4.89
C TYR B 454 -23.62 -20.06 -5.99
N TRP B 455 -24.11 -19.37 -7.02
CA TRP B 455 -23.27 -18.93 -8.13
C TRP B 455 -22.61 -17.60 -7.75
N ARG B 456 -21.29 -17.60 -7.57
CA ARG B 456 -20.60 -16.32 -7.43
C ARG B 456 -20.65 -15.71 -8.83
N PRO B 457 -20.58 -14.37 -8.93
CA PRO B 457 -20.54 -13.76 -10.29
C PRO B 457 -19.47 -14.38 -11.23
N SER B 458 -18.34 -14.85 -10.69
CA SER B 458 -17.33 -15.49 -11.54
CA SER B 458 -17.32 -15.53 -11.49
C SER B 458 -17.84 -16.74 -12.27
N ALA B 459 -18.80 -17.46 -11.66
CA ALA B 459 -19.44 -18.57 -12.32
C ALA B 459 -20.28 -18.12 -13.52
N LEU B 460 -20.94 -16.96 -13.42
CA LEU B 460 -21.64 -16.38 -14.57
C LEU B 460 -20.61 -16.02 -15.65
N VAL B 461 -19.48 -15.46 -15.24
CA VAL B 461 -18.39 -15.11 -16.19
C VAL B 461 -17.90 -16.38 -16.89
N TYR B 462 -17.67 -17.44 -16.12
CA TYR B 462 -17.18 -18.73 -16.66
C TYR B 462 -18.19 -19.37 -17.62
N ARG B 463 -19.47 -19.30 -17.29
CA ARG B 463 -20.48 -19.75 -18.25
C ARG B 463 -20.32 -19.05 -19.60
N GLU B 464 -20.07 -17.73 -19.60
CA GLU B 464 -19.85 -16.98 -20.83
C GLU B 464 -18.67 -17.56 -21.63
N ILE B 465 -17.57 -17.83 -20.93
CA ILE B 465 -16.39 -18.44 -21.57
C ILE B 465 -16.70 -19.83 -22.12
N ALA B 466 -17.16 -20.74 -21.26
CA ALA B 466 -17.33 -22.14 -21.63
C ALA B 466 -18.35 -22.29 -22.78
N THR B 467 -19.48 -21.64 -22.60
CA THR B 467 -20.58 -21.61 -23.53
C THR B 467 -20.22 -21.09 -24.95
N ASN B 468 -19.24 -20.18 -25.02
CA ASN B 468 -18.80 -19.61 -26.28
C ASN B 468 -17.47 -20.20 -26.74
N GLY B 469 -16.86 -21.04 -25.92
CA GLY B 469 -15.50 -21.52 -26.20
C GLY B 469 -14.55 -20.36 -26.46
N ALA B 470 -14.79 -19.24 -25.79
CA ALA B 470 -14.02 -18.01 -26.01
C ALA B 470 -14.11 -17.08 -24.81
N ILE B 471 -13.09 -16.26 -24.63
CA ILE B 471 -13.27 -15.05 -23.86
C ILE B 471 -13.96 -14.10 -24.83
N THR B 472 -15.20 -13.74 -24.53
CA THR B 472 -16.00 -12.91 -25.42
C THR B 472 -15.59 -11.46 -25.31
N ASP B 473 -15.94 -10.67 -26.33
CA ASP B 473 -15.63 -9.23 -26.34
C ASP B 473 -16.11 -8.56 -25.07
N GLU B 474 -17.30 -8.95 -24.59
CA GLU B 474 -17.88 -8.20 -23.47
C GLU B 474 -17.22 -8.34 -22.09
N ILE B 475 -16.38 -9.37 -21.92
CA ILE B 475 -15.68 -9.66 -20.65
C ILE B 475 -14.16 -9.50 -20.79
N GLU B 476 -13.72 -8.99 -21.94
CA GLU B 476 -12.28 -8.87 -22.20
C GLU B 476 -11.52 -7.93 -21.26
N HIS B 477 -12.23 -6.98 -20.67
CA HIS B 477 -11.59 -6.04 -19.73
C HIS B 477 -11.10 -6.73 -18.43
N LEU B 478 -11.62 -7.92 -18.17
CA LEU B 478 -11.24 -8.70 -16.98
C LEU B 478 -9.89 -9.38 -17.16
N ASN B 479 -9.33 -9.28 -18.37
CA ASN B 479 -7.92 -9.70 -18.60
C ASN B 479 -7.01 -8.59 -18.14
N SER B 480 -6.96 -8.40 -16.82
CA SER B 480 -6.23 -7.32 -16.16
C SER B 480 -6.07 -7.63 -14.68
N VAL B 481 -5.22 -6.86 -14.00
CA VAL B 481 -5.01 -6.98 -12.57
C VAL B 481 -6.20 -6.33 -11.77
N PRO B 482 -6.73 -7.05 -10.77
CA PRO B 482 -7.79 -6.47 -9.91
C PRO B 482 -7.33 -5.11 -9.40
N PRO B 483 -8.14 -4.05 -9.58
CA PRO B 483 -7.68 -2.78 -9.05
C PRO B 483 -7.29 -2.93 -7.60
N VAL B 484 -6.08 -2.48 -7.25
CA VAL B 484 -5.58 -2.59 -5.87
C VAL B 484 -6.04 -1.47 -4.92
N LYS B 485 -6.29 -0.26 -5.41
CA LYS B 485 -6.63 0.82 -4.47
CA LYS B 485 -6.68 0.86 -4.53
C LYS B 485 -7.86 0.53 -3.57
N PRO B 486 -8.92 -0.11 -4.10
CA PRO B 486 -10.06 -0.42 -3.18
C PRO B 486 -9.87 -1.66 -2.31
N LEU B 487 -8.76 -2.36 -2.53
CA LEU B 487 -8.49 -3.62 -1.80
C LEU B 487 -7.61 -3.35 -0.59
N ARG B 488 -7.69 -4.23 0.41
CA ARG B 488 -6.82 -4.11 1.57
C ARG B 488 -5.34 -4.17 1.13
N HIS B 489 -4.51 -3.35 1.76
CA HIS B 489 -3.04 -3.46 1.71
C HIS B 489 -2.52 -3.85 3.13
#